data_4J75
#
_entry.id   4J75
#
_cell.length_a   117.033
_cell.length_b   189.473
_cell.length_c   51.450
_cell.angle_alpha   90.000
_cell.angle_beta   90.000
_cell.angle_gamma   90.000
#
_symmetry.space_group_name_H-M   'P 21 21 2'
#
loop_
_entity.id
_entity.type
_entity.pdbx_description
1 polymer 'Tryptophanyl-tRNA synthetase'
2 non-polymer "TRYPTOPHANYL-5'AMP"
3 non-polymer GLYCEROL
4 water water
#
_entity_poly.entity_id   1
_entity_poly.type   'polypeptide(L)'
_entity_poly.pdbx_seq_one_letter_code
;GPGSMSKDVTPWDVNINNEEGINYNKLIKEFGCSKITENHIKRIEKLTNSKAHHFIRRGIFFSHRDLDFLLNYYEQHKCF
YIYTGRGPSSLSMHLGHLIPFYFCKYLQEAFNVPLVIQLSDDEKYLFNQNYSLEYINTLTNENVKDIISVGLNPELTFIF
KNTEYAGYLYPTVLSIHKKTTLNQSMNVFGFNHSDNIGKISYPSFQIAPCFSQCFPNFLGKNIPCLVPQGIDQDPYFRLS
RDIAVKMALHKPVVVHSVFMPGLQGVNSKMSSTKKKKDDNGKSNSTFDHNNSVIFLTDTPEQIKNKINKYAFSGGGTTIQ
EHREKGGNLDKDISYQYLRYLLEDDNKLNEIGEKYKKGEMLSGEIKKILIDVLTELVLKHQEKKKSLTDEEISYFFDPNK
PSLQKFKNM
;
_entity_poly.pdbx_strand_id   A,B
#
# COMPACT_ATOMS: atom_id res chain seq x y z
N GLY A 21 4.81 -27.82 -26.08
CA GLY A 21 4.09 -26.55 -26.37
C GLY A 21 3.03 -26.21 -25.33
N ILE A 22 2.52 -24.99 -25.36
CA ILE A 22 1.46 -24.54 -24.44
C ILE A 22 0.12 -24.90 -25.06
N ASN A 23 -0.63 -25.78 -24.40
CA ASN A 23 -1.97 -26.14 -24.86
C ASN A 23 -2.98 -25.11 -24.35
N TYR A 24 -3.29 -24.13 -25.21
CA TYR A 24 -4.15 -23.00 -24.84
C TYR A 24 -5.61 -23.40 -24.58
N ASN A 25 -6.10 -24.40 -25.32
CA ASN A 25 -7.43 -24.97 -25.07
C ASN A 25 -7.58 -25.54 -23.66
N LYS A 26 -6.56 -26.29 -23.23
CA LYS A 26 -6.55 -26.85 -21.86
C LYS A 26 -6.50 -25.76 -20.79
N LEU A 27 -5.99 -24.57 -21.14
CA LEU A 27 -5.99 -23.44 -20.20
C LEU A 27 -7.38 -22.82 -20.08
N ILE A 28 -8.04 -22.58 -21.21
CA ILE A 28 -9.43 -22.10 -21.22
C ILE A 28 -10.32 -22.89 -20.27
N LYS A 29 -10.34 -24.21 -20.44
CA LYS A 29 -11.21 -25.09 -19.67
C LYS A 29 -10.77 -25.18 -18.21
N GLU A 30 -9.46 -25.13 -17.97
CA GLU A 30 -8.90 -25.21 -16.61
C GLU A 30 -9.09 -23.90 -15.84
N PHE A 31 -8.80 -22.77 -16.49
CA PHE A 31 -9.00 -21.45 -15.87
C PHE A 31 -10.48 -21.01 -15.88
N GLY A 32 -11.27 -21.54 -16.80
CA GLY A 32 -12.70 -21.27 -16.84
C GLY A 32 -13.13 -20.14 -17.76
N CYS A 33 -12.37 -19.93 -18.84
CA CYS A 33 -12.67 -18.88 -19.84
C CYS A 33 -13.55 -19.41 -20.97
N SER A 34 -13.90 -18.52 -21.89
CA SER A 34 -14.60 -18.89 -23.12
C SER A 34 -13.83 -18.31 -24.29
N LYS A 35 -13.91 -18.99 -25.43
CA LYS A 35 -13.23 -18.51 -26.63
C LYS A 35 -13.98 -17.35 -27.23
N ILE A 36 -13.23 -16.39 -27.78
CA ILE A 36 -13.81 -15.31 -28.55
C ILE A 36 -14.22 -15.89 -29.91
N THR A 37 -15.41 -15.54 -30.37
CA THR A 37 -16.06 -16.21 -31.51
C THR A 37 -16.19 -15.22 -32.65
N GLU A 38 -16.60 -15.72 -33.82
CA GLU A 38 -16.84 -14.86 -34.96
C GLU A 38 -17.96 -13.87 -34.68
N ASN A 39 -18.98 -14.31 -33.95
CA ASN A 39 -20.10 -13.41 -33.62
C ASN A 39 -19.66 -12.28 -32.65
N HIS A 40 -18.71 -12.56 -31.76
CA HIS A 40 -18.12 -11.48 -30.94
C HIS A 40 -17.45 -10.41 -31.81
N ILE A 41 -16.75 -10.87 -32.85
CA ILE A 41 -16.04 -9.99 -33.77
C ILE A 41 -17.01 -9.10 -34.53
N LYS A 42 -18.01 -9.70 -35.15
CA LYS A 42 -19.05 -8.94 -35.86
C LYS A 42 -19.73 -7.93 -34.95
N ARG A 43 -20.12 -8.39 -33.77
CA ARG A 43 -20.71 -7.53 -32.74
C ARG A 43 -19.80 -6.32 -32.45
N ILE A 44 -18.51 -6.58 -32.27
CA ILE A 44 -17.52 -5.51 -32.05
C ILE A 44 -17.48 -4.54 -33.22
N GLU A 45 -17.45 -5.09 -34.43
CA GLU A 45 -17.43 -4.26 -35.64
C GLU A 45 -18.70 -3.43 -35.81
N LYS A 46 -19.84 -3.95 -35.37
CA LYS A 46 -21.08 -3.22 -35.40
C LYS A 46 -21.04 -2.04 -34.44
N LEU A 47 -20.58 -2.30 -33.22
CA LEU A 47 -20.53 -1.27 -32.18
C LEU A 47 -19.48 -0.18 -32.41
N THR A 48 -18.35 -0.55 -33.01
CA THR A 48 -17.27 0.40 -33.25
C THR A 48 -17.25 0.97 -34.68
N ASN A 49 -18.08 0.42 -35.57
CA ASN A 49 -18.14 0.86 -36.97
C ASN A 49 -16.74 0.88 -37.61
N SER A 50 -16.02 -0.22 -37.41
CA SER A 50 -14.63 -0.36 -37.86
C SER A 50 -14.30 -1.83 -37.91
N LYS A 51 -13.42 -2.19 -38.84
CA LYS A 51 -12.89 -3.54 -38.92
C LYS A 51 -12.17 -3.88 -37.60
N ALA A 52 -12.37 -5.11 -37.13
CA ALA A 52 -11.74 -5.56 -35.90
C ALA A 52 -10.24 -5.75 -36.13
N HIS A 53 -9.47 -5.55 -35.07
CA HIS A 53 -8.02 -5.69 -35.15
C HIS A 53 -7.67 -7.11 -35.51
N HIS A 54 -6.58 -7.28 -36.25
CA HIS A 54 -6.18 -8.62 -36.71
C HIS A 54 -5.91 -9.63 -35.57
N PHE A 55 -5.51 -9.15 -34.39
CA PHE A 55 -5.29 -10.02 -33.23
C PHE A 55 -6.53 -10.83 -32.88
N ILE A 56 -7.71 -10.24 -33.04
CA ILE A 56 -8.94 -10.95 -32.72
C ILE A 56 -9.31 -11.88 -33.87
N ARG A 57 -9.34 -11.34 -35.08
CA ARG A 57 -9.60 -12.14 -36.28
C ARG A 57 -8.71 -13.37 -36.41
N ARG A 58 -7.45 -13.23 -36.05
CA ARG A 58 -6.48 -14.30 -36.25
C ARG A 58 -6.20 -15.14 -35.01
N GLY A 59 -6.98 -14.93 -33.95
CA GLY A 59 -6.91 -15.81 -32.77
C GLY A 59 -5.70 -15.57 -31.88
N ILE A 60 -5.15 -14.37 -31.90
CA ILE A 60 -4.06 -14.01 -31.02
C ILE A 60 -4.66 -13.68 -29.65
N PHE A 61 -5.63 -12.77 -29.66
CA PHE A 61 -6.51 -12.57 -28.52
C PHE A 61 -7.69 -13.50 -28.71
N PHE A 62 -7.74 -14.54 -27.88
CA PHE A 62 -8.52 -15.74 -28.21
C PHE A 62 -9.50 -16.16 -27.12
N SER A 63 -9.45 -15.48 -25.99
CA SER A 63 -10.11 -15.96 -24.78
C SER A 63 -10.61 -14.78 -23.96
N HIS A 64 -11.67 -14.99 -23.19
CA HIS A 64 -12.29 -13.92 -22.43
C HIS A 64 -13.14 -14.39 -21.27
N ARG A 65 -13.45 -13.46 -20.37
CA ARG A 65 -14.55 -13.62 -19.42
C ARG A 65 -15.43 -12.36 -19.45
N ASP A 66 -16.73 -12.59 -19.60
CA ASP A 66 -17.72 -11.53 -19.59
C ASP A 66 -17.62 -10.49 -20.70
N LEU A 67 -17.17 -10.92 -21.88
CA LEU A 67 -17.06 -10.01 -23.00
C LEU A 67 -18.45 -9.52 -23.44
N ASP A 68 -19.43 -10.41 -23.46
CA ASP A 68 -20.75 -10.02 -23.91
C ASP A 68 -21.37 -8.97 -23.00
N PHE A 69 -21.23 -9.16 -21.70
CA PHE A 69 -21.66 -8.17 -20.75
C PHE A 69 -21.05 -6.81 -21.09
N LEU A 70 -19.75 -6.78 -21.33
CA LEU A 70 -19.09 -5.53 -21.65
C LEU A 70 -19.67 -4.89 -22.92
N LEU A 71 -19.84 -5.69 -23.97
CA LEU A 71 -20.30 -5.16 -25.25
C LEU A 71 -21.73 -4.62 -25.11
N ASN A 72 -22.57 -5.35 -24.37
CA ASN A 72 -23.93 -4.90 -24.04
C ASN A 72 -23.92 -3.58 -23.29
N TYR A 73 -23.02 -3.49 -22.31
CA TYR A 73 -22.88 -2.28 -21.52
C TYR A 73 -22.48 -1.09 -22.39
N TYR A 74 -21.54 -1.31 -23.31
CA TYR A 74 -21.08 -0.25 -24.19
C TYR A 74 -22.22 0.21 -25.10
N GLU A 75 -23.01 -0.74 -25.56
CA GLU A 75 -24.14 -0.44 -26.45
C GLU A 75 -25.15 0.49 -25.77
N GLN A 76 -25.45 0.24 -24.50
CA GLN A 76 -26.41 1.05 -23.76
C GLN A 76 -25.82 2.38 -23.30
N HIS A 77 -24.60 2.34 -22.80
CA HIS A 77 -24.02 3.49 -22.08
C HIS A 77 -22.80 4.13 -22.77
N LYS A 78 -22.34 3.58 -23.88
CA LYS A 78 -21.19 4.13 -24.63
C LYS A 78 -20.01 4.43 -23.71
N CYS A 79 -19.70 3.50 -22.82
CA CYS A 79 -18.85 3.81 -21.70
C CYS A 79 -18.29 2.55 -21.05
N PHE A 80 -16.96 2.48 -20.99
CA PHE A 80 -16.23 1.56 -20.09
C PHE A 80 -14.80 2.05 -20.10
N TYR A 81 -13.90 1.36 -19.40
CA TYR A 81 -12.48 1.70 -19.53
C TYR A 81 -11.61 0.46 -19.65
N ILE A 82 -10.40 0.68 -20.15
CA ILE A 82 -9.44 -0.36 -20.45
C ILE A 82 -8.29 -0.26 -19.47
N TYR A 83 -7.84 -1.40 -18.95
CA TYR A 83 -6.75 -1.44 -17.97
C TYR A 83 -5.77 -2.50 -18.39
N THR A 84 -4.49 -2.13 -18.48
CA THR A 84 -3.45 -3.10 -18.61
C THR A 84 -2.19 -2.58 -17.93
N GLY A 85 -1.13 -3.38 -17.88
CA GLY A 85 0.07 -2.98 -17.16
C GLY A 85 1.38 -3.55 -17.63
N ARG A 86 2.44 -3.01 -17.06
CA ARG A 86 3.81 -3.40 -17.37
C ARG A 86 4.61 -3.41 -16.09
N GLY A 87 5.31 -4.52 -15.84
CA GLY A 87 6.27 -4.61 -14.76
C GLY A 87 7.66 -4.26 -15.27
N PRO A 88 8.22 -3.12 -14.82
CA PRO A 88 9.53 -2.66 -15.32
C PRO A 88 10.71 -3.40 -14.70
N SER A 89 10.99 -4.58 -15.23
CA SER A 89 12.09 -5.42 -14.75
C SER A 89 13.30 -5.34 -15.66
N SER A 90 13.12 -4.75 -16.85
CA SER A 90 14.20 -4.65 -17.82
C SER A 90 14.21 -3.30 -18.56
N LEU A 91 15.40 -2.90 -18.98
CA LEU A 91 15.61 -1.60 -19.60
C LEU A 91 14.89 -1.47 -20.93
N SER A 92 14.90 -2.56 -21.71
CA SER A 92 14.35 -2.55 -23.04
C SER A 92 13.35 -3.69 -23.29
N MET A 93 12.12 -3.31 -23.62
CA MET A 93 11.08 -4.29 -23.91
C MET A 93 11.29 -4.95 -25.29
N HIS A 94 10.69 -6.12 -25.48
CA HIS A 94 10.68 -6.78 -26.77
C HIS A 94 9.27 -6.75 -27.39
N LEU A 95 9.15 -7.29 -28.59
CA LEU A 95 7.92 -7.24 -29.37
C LEU A 95 6.72 -7.86 -28.66
N GLY A 96 6.94 -8.98 -27.98
CA GLY A 96 5.91 -9.63 -27.18
C GLY A 96 5.28 -8.73 -26.14
N HIS A 97 6.09 -7.90 -25.48
CA HIS A 97 5.59 -6.95 -24.46
C HIS A 97 4.65 -5.92 -25.07
N LEU A 98 4.76 -5.68 -26.37
CA LEU A 98 3.93 -4.68 -27.04
C LEU A 98 2.57 -5.20 -27.52
N ILE A 99 2.43 -6.53 -27.64
CA ILE A 99 1.16 -7.12 -28.10
C ILE A 99 -0.04 -6.57 -27.34
N PRO A 100 -0.02 -6.62 -26.01
CA PRO A 100 -1.15 -6.08 -25.27
C PRO A 100 -1.35 -4.59 -25.53
N PHE A 101 -0.25 -3.86 -25.69
CA PHE A 101 -0.30 -2.42 -25.86
C PHE A 101 -0.76 -2.00 -27.25
N TYR A 102 -0.33 -2.71 -28.29
CA TYR A 102 -0.95 -2.53 -29.61
C TYR A 102 -2.45 -2.81 -29.57
N PHE A 103 -2.84 -3.89 -28.89
CA PHE A 103 -4.28 -4.21 -28.77
C PHE A 103 -5.06 -3.12 -28.01
N CYS A 104 -4.47 -2.59 -26.94
CA CYS A 104 -5.10 -1.48 -26.21
C CYS A 104 -5.19 -0.22 -27.05
N LYS A 105 -4.19 0.02 -27.89
CA LYS A 105 -4.26 1.14 -28.82
C LYS A 105 -5.49 1.03 -29.69
N TYR A 106 -5.69 -0.15 -30.26
CA TYR A 106 -6.87 -0.40 -31.07
C TYR A 106 -8.17 -0.22 -30.25
N LEU A 107 -8.26 -0.88 -29.10
CA LEU A 107 -9.47 -0.81 -28.28
C LEU A 107 -9.84 0.62 -27.92
N GLN A 108 -8.84 1.37 -27.52
CA GLN A 108 -8.98 2.79 -27.23
C GLN A 108 -9.56 3.58 -28.41
N GLU A 109 -9.00 3.40 -29.61
CA GLU A 109 -9.47 4.06 -30.83
C GLU A 109 -10.88 3.63 -31.24
N ALA A 110 -11.07 2.32 -31.34
CA ALA A 110 -12.32 1.75 -31.83
C ALA A 110 -13.53 2.07 -30.93
N PHE A 111 -13.36 1.96 -29.62
CA PHE A 111 -14.44 2.18 -28.68
C PHE A 111 -14.48 3.61 -28.14
N ASN A 112 -13.39 4.34 -28.26
CA ASN A 112 -13.33 5.75 -27.82
C ASN A 112 -13.54 5.84 -26.30
N VAL A 113 -12.69 5.13 -25.56
CA VAL A 113 -12.78 5.05 -24.11
C VAL A 113 -11.40 5.20 -23.48
N PRO A 114 -11.35 5.52 -22.18
CA PRO A 114 -10.08 5.71 -21.50
C PRO A 114 -9.29 4.42 -21.33
N LEU A 115 -7.96 4.57 -21.31
CA LEU A 115 -7.03 3.48 -21.09
C LEU A 115 -6.15 3.87 -19.92
N VAL A 116 -6.13 3.02 -18.90
CA VAL A 116 -5.27 3.24 -17.75
C VAL A 116 -4.20 2.18 -17.73
N ILE A 117 -2.95 2.60 -17.48
CA ILE A 117 -1.80 1.73 -17.58
C ILE A 117 -1.01 1.79 -16.29
N GLN A 118 -0.92 0.65 -15.61
CA GLN A 118 -0.16 0.53 -14.38
C GLN A 118 1.25 0.14 -14.68
N LEU A 119 2.19 0.89 -14.13
CA LEU A 119 3.59 0.49 -14.11
C LEU A 119 3.82 -0.05 -12.72
N SER A 120 3.98 -1.37 -12.62
CA SER A 120 4.11 -2.01 -11.33
C SER A 120 5.57 -1.98 -10.90
N ASP A 121 6.08 -0.76 -10.69
CA ASP A 121 7.45 -0.57 -10.21
C ASP A 121 7.62 -1.14 -8.78
N ASP A 122 6.57 -1.06 -7.97
CA ASP A 122 6.57 -1.68 -6.66
C ASP A 122 6.79 -3.20 -6.76
N GLU A 123 6.05 -3.84 -7.66
CA GLU A 123 6.21 -5.27 -7.89
C GLU A 123 7.67 -5.60 -8.14
N LYS A 124 8.29 -4.91 -9.09
CA LYS A 124 9.59 -5.33 -9.56
C LYS A 124 10.70 -4.96 -8.60
N TYR A 125 10.48 -3.90 -7.82
CA TYR A 125 11.37 -3.58 -6.71
C TYR A 125 11.31 -4.68 -5.68
N LEU A 126 10.09 -5.09 -5.35
CA LEU A 126 9.86 -6.11 -4.32
C LEU A 126 10.30 -7.51 -4.72
N PHE A 127 10.22 -7.84 -6.02
CA PHE A 127 10.56 -9.19 -6.47
C PHE A 127 12.04 -9.39 -6.82
N ASN A 128 12.79 -8.30 -7.01
CA ASN A 128 14.19 -8.42 -7.42
C ASN A 128 15.09 -7.90 -6.29
N GLN A 129 15.75 -8.83 -5.60
CA GLN A 129 16.40 -8.51 -4.33
C GLN A 129 17.48 -7.42 -4.42
N ASN A 130 18.20 -7.40 -5.54
CA ASN A 130 19.33 -6.48 -5.72
C ASN A 130 18.98 -5.17 -6.44
N TYR A 131 17.72 -4.98 -6.77
CA TYR A 131 17.28 -3.78 -7.48
C TYR A 131 16.78 -2.74 -6.50
N SER A 132 17.32 -1.52 -6.61
CA SER A 132 16.86 -0.40 -5.79
C SER A 132 15.65 0.24 -6.46
N LEU A 133 14.90 1.04 -5.70
CA LEU A 133 13.80 1.81 -6.27
C LEU A 133 14.31 2.74 -7.36
N GLU A 134 15.43 3.39 -7.10
CA GLU A 134 16.08 4.28 -8.07
C GLU A 134 16.40 3.58 -9.39
N TYR A 135 16.99 2.39 -9.30
CA TYR A 135 17.26 1.59 -10.50
C TYR A 135 15.97 1.20 -11.23
N ILE A 136 14.96 0.74 -10.51
CA ILE A 136 13.68 0.40 -11.12
C ILE A 136 13.10 1.62 -11.87
N ASN A 137 13.31 2.80 -11.33
CA ASN A 137 12.74 4.00 -11.94
C ASN A 137 13.37 4.36 -13.29
N THR A 138 14.68 4.13 -13.45
CA THR A 138 15.31 4.30 -14.75
C THR A 138 14.63 3.35 -15.78
N LEU A 139 14.36 2.12 -15.35
CA LEU A 139 13.69 1.16 -16.22
C LEU A 139 12.27 1.61 -16.55
N THR A 140 11.53 2.05 -15.53
CA THR A 140 10.18 2.52 -15.69
C THR A 140 10.08 3.67 -16.71
N ASN A 141 10.94 4.67 -16.58
CA ASN A 141 10.88 5.81 -17.47
C ASN A 141 11.13 5.42 -18.93
N GLU A 142 12.09 4.53 -19.16
CA GLU A 142 12.34 4.05 -20.51
C GLU A 142 11.18 3.21 -21.03
N ASN A 143 10.70 2.29 -20.20
CA ASN A 143 9.55 1.47 -20.54
C ASN A 143 8.33 2.33 -20.95
N VAL A 144 8.13 3.43 -20.23
CA VAL A 144 7.00 4.30 -20.49
C VAL A 144 7.10 4.92 -21.89
N LYS A 145 8.30 5.29 -22.30
CA LYS A 145 8.51 5.79 -23.65
C LYS A 145 8.18 4.72 -24.69
N ASP A 146 8.59 3.47 -24.43
CA ASP A 146 8.27 2.39 -25.34
C ASP A 146 6.75 2.21 -25.45
N ILE A 147 6.08 2.25 -24.31
CA ILE A 147 4.63 2.12 -24.25
C ILE A 147 3.94 3.24 -25.01
N ILE A 148 4.34 4.48 -24.76
CA ILE A 148 3.80 5.62 -25.48
C ILE A 148 4.04 5.50 -27.00
N SER A 149 5.23 5.05 -27.39
CA SER A 149 5.63 5.05 -28.78
C SER A 149 4.88 4.05 -29.68
N VAL A 150 4.00 3.21 -29.12
CA VAL A 150 3.12 2.40 -29.98
C VAL A 150 2.03 3.27 -30.65
N GLY A 151 1.87 4.50 -30.18
CA GLY A 151 0.93 5.45 -30.77
C GLY A 151 -0.35 5.62 -29.97
N LEU A 152 -0.25 5.44 -28.66
CA LEU A 152 -1.41 5.61 -27.80
C LEU A 152 -1.92 7.03 -27.93
N ASN A 153 -3.24 7.18 -27.82
CA ASN A 153 -3.86 8.48 -27.83
C ASN A 153 -3.65 9.17 -26.50
N PRO A 154 -2.80 10.20 -26.44
CA PRO A 154 -2.53 10.90 -25.19
C PRO A 154 -3.78 11.44 -24.49
N GLU A 155 -4.77 11.86 -25.28
CA GLU A 155 -5.97 12.48 -24.75
C GLU A 155 -6.87 11.49 -23.99
N LEU A 156 -6.73 10.20 -24.28
CA LEU A 156 -7.53 9.16 -23.63
C LEU A 156 -6.67 8.15 -22.87
N THR A 157 -5.49 8.56 -22.43
CA THR A 157 -4.61 7.63 -21.73
C THR A 157 -4.14 8.19 -20.40
N PHE A 158 -4.16 7.33 -19.37
CA PHE A 158 -3.63 7.67 -18.07
C PHE A 158 -2.65 6.61 -17.64
N ILE A 159 -1.38 6.99 -17.58
CA ILE A 159 -0.33 6.12 -17.09
C ILE A 159 0.00 6.52 -15.67
N PHE A 160 0.25 5.54 -14.82
CA PHE A 160 0.64 5.81 -13.44
C PHE A 160 1.66 4.81 -12.92
N LYS A 161 2.53 5.31 -12.03
CA LYS A 161 3.45 4.46 -11.29
C LYS A 161 2.83 4.14 -9.94
N ASN A 162 2.82 2.86 -9.56
CA ASN A 162 2.33 2.49 -8.24
C ASN A 162 3.08 3.22 -7.14
N THR A 163 4.37 3.50 -7.32
CA THR A 163 5.13 4.22 -6.29
C THR A 163 4.59 5.62 -6.06
N GLU A 164 3.94 6.19 -7.06
CA GLU A 164 3.41 7.54 -6.98
C GLU A 164 1.90 7.61 -6.79
N TYR A 165 1.18 6.56 -7.21
CA TYR A 165 -0.28 6.59 -7.27
C TYR A 165 -0.93 5.75 -6.18
N ALA A 166 -0.14 5.16 -5.28
CA ALA A 166 -0.68 4.26 -4.26
C ALA A 166 -1.74 4.89 -3.36
N GLY A 167 -1.63 6.18 -3.09
CA GLY A 167 -2.65 6.90 -2.33
C GLY A 167 -4.04 6.76 -2.92
N TYR A 168 -4.15 6.71 -4.24
CA TYR A 168 -5.44 6.58 -4.89
C TYR A 168 -5.95 5.15 -4.87
N LEU A 169 -5.04 4.20 -4.82
CA LEU A 169 -5.41 2.79 -4.85
C LEU A 169 -5.71 2.19 -3.46
N TYR A 170 -5.20 2.82 -2.40
CA TYR A 170 -5.10 2.14 -1.11
C TYR A 170 -6.44 1.75 -0.49
N PRO A 171 -7.42 2.66 -0.48
CA PRO A 171 -8.71 2.23 0.08
C PRO A 171 -9.26 0.98 -0.59
N THR A 172 -9.08 0.86 -1.89
CA THR A 172 -9.57 -0.28 -2.60
C THR A 172 -8.71 -1.50 -2.30
N VAL A 173 -7.39 -1.29 -2.27
CA VAL A 173 -6.44 -2.31 -1.87
C VAL A 173 -6.81 -2.88 -0.51
N LEU A 174 -7.19 -2.00 0.43
CA LEU A 174 -7.56 -2.44 1.77
C LEU A 174 -8.70 -3.43 1.73
N SER A 175 -9.71 -3.13 0.93
CA SER A 175 -10.87 -4.00 0.81
C SER A 175 -10.51 -5.35 0.16
N ILE A 176 -9.63 -5.31 -0.84
CA ILE A 176 -9.13 -6.51 -1.49
C ILE A 176 -8.28 -7.33 -0.51
N HIS A 177 -7.36 -6.66 0.19
CA HIS A 177 -6.56 -7.30 1.23
C HIS A 177 -7.45 -8.05 2.20
N LYS A 178 -8.48 -7.36 2.69
CA LYS A 178 -9.32 -7.90 3.75
C LYS A 178 -10.00 -9.18 3.27
N LYS A 179 -10.31 -9.25 1.99
CA LYS A 179 -11.00 -10.39 1.39
C LYS A 179 -10.04 -11.44 0.81
N THR A 180 -8.76 -11.38 1.19
CA THR A 180 -7.74 -12.35 0.73
C THR A 180 -6.94 -12.89 1.92
N THR A 181 -7.21 -14.13 2.31
CA THR A 181 -6.45 -14.78 3.36
C THR A 181 -5.02 -15.04 2.90
N LEU A 182 -4.12 -15.17 3.86
CA LEU A 182 -2.74 -15.51 3.55
C LEU A 182 -2.68 -16.85 2.82
N ASN A 183 -3.51 -17.81 3.25
CA ASN A 183 -3.63 -19.07 2.54
C ASN A 183 -3.92 -18.90 1.06
N GLN A 184 -4.93 -18.09 0.72
CA GLN A 184 -5.26 -17.87 -0.67
C GLN A 184 -4.09 -17.29 -1.45
N SER A 185 -3.48 -16.24 -0.90
CA SER A 185 -2.39 -15.53 -1.58
C SER A 185 -1.26 -16.54 -1.88
N MET A 186 -0.86 -17.28 -0.86
CA MET A 186 0.23 -18.24 -0.98
C MET A 186 -0.11 -19.36 -1.97
N ASN A 187 -1.35 -19.85 -1.93
CA ASN A 187 -1.81 -20.88 -2.85
C ASN A 187 -1.88 -20.41 -4.31
N VAL A 188 -2.49 -19.25 -4.54
CA VAL A 188 -2.72 -18.73 -5.89
C VAL A 188 -1.42 -18.31 -6.57
N PHE A 189 -0.51 -17.70 -5.81
CA PHE A 189 0.71 -17.12 -6.39
C PHE A 189 1.98 -17.88 -6.01
N GLY A 190 1.87 -18.95 -5.25
CA GLY A 190 3.01 -19.82 -4.94
C GLY A 190 4.08 -19.20 -4.06
N PHE A 191 3.69 -18.36 -3.11
CA PHE A 191 4.64 -17.71 -2.21
C PHE A 191 5.05 -18.68 -1.12
N ASN A 192 6.22 -18.45 -0.53
CA ASN A 192 6.66 -19.24 0.61
C ASN A 192 6.99 -18.31 1.75
N HIS A 193 7.32 -18.88 2.89
CA HIS A 193 7.52 -18.11 4.11
C HIS A 193 8.79 -17.27 4.18
N SER A 194 9.67 -17.42 3.22
CA SER A 194 10.88 -16.60 3.12
C SER A 194 10.67 -15.41 2.18
N ASP A 195 9.56 -15.38 1.45
CA ASP A 195 9.22 -14.23 0.62
C ASP A 195 8.89 -13.05 1.50
N ASN A 196 9.28 -11.86 1.05
CA ASN A 196 8.97 -10.68 1.79
C ASN A 196 7.47 -10.35 1.71
N ILE A 197 6.98 -9.65 2.73
CA ILE A 197 5.54 -9.38 2.82
C ILE A 197 5.03 -8.41 1.76
N GLY A 198 5.95 -7.70 1.12
CA GLY A 198 5.61 -6.91 -0.05
C GLY A 198 5.09 -7.75 -1.21
N LYS A 199 5.77 -8.86 -1.47
CA LYS A 199 5.33 -9.81 -2.49
C LYS A 199 3.96 -10.36 -2.16
N ILE A 200 3.78 -10.80 -0.92
CA ILE A 200 2.49 -11.32 -0.48
C ILE A 200 1.39 -10.31 -0.77
N SER A 201 1.69 -9.03 -0.57
CA SER A 201 0.69 -7.99 -0.60
C SER A 201 0.50 -7.31 -1.97
N TYR A 202 1.49 -7.43 -2.85
CA TYR A 202 1.41 -6.79 -4.18
C TYR A 202 0.15 -7.12 -5.03
N PRO A 203 -0.28 -8.38 -5.09
CA PRO A 203 -1.39 -8.69 -6.01
C PRO A 203 -2.63 -7.83 -5.87
N SER A 204 -2.93 -7.36 -4.66
CA SER A 204 -4.06 -6.47 -4.44
C SER A 204 -3.88 -5.15 -5.18
N PHE A 205 -2.62 -4.72 -5.30
CA PHE A 205 -2.30 -3.51 -6.05
C PHE A 205 -2.48 -3.71 -7.56
N GLN A 206 -2.20 -4.92 -8.06
CA GLN A 206 -2.48 -5.23 -9.47
C GLN A 206 -3.98 -5.36 -9.73
N ILE A 207 -4.73 -5.77 -8.72
CA ILE A 207 -6.18 -5.97 -8.85
C ILE A 207 -6.98 -4.67 -8.73
N ALA A 208 -6.52 -3.76 -7.87
CA ALA A 208 -7.22 -2.53 -7.57
C ALA A 208 -7.70 -1.69 -8.76
N PRO A 209 -6.85 -1.49 -9.78
CA PRO A 209 -7.28 -0.61 -10.87
C PRO A 209 -8.42 -1.13 -11.72
N CYS A 210 -8.82 -2.38 -11.50
CA CYS A 210 -10.03 -2.92 -12.11
C CYS A 210 -11.30 -2.25 -11.59
N PHE A 211 -11.18 -1.44 -10.54
CA PHE A 211 -12.32 -0.78 -9.94
C PHE A 211 -12.19 0.73 -10.09
N SER A 212 -13.12 1.31 -10.85
CA SER A 212 -13.01 2.70 -11.32
C SER A 212 -12.93 3.72 -10.20
N GLN A 213 -13.39 3.35 -9.01
CA GLN A 213 -13.18 4.20 -7.83
C GLN A 213 -11.69 4.58 -7.58
N CYS A 214 -10.76 3.85 -8.18
CA CYS A 214 -9.34 4.20 -8.12
C CYS A 214 -8.94 5.40 -9.00
N PHE A 215 -9.86 5.89 -9.82
CA PHE A 215 -9.58 7.02 -10.70
C PHE A 215 -10.68 8.08 -10.61
N PRO A 216 -10.85 8.67 -9.40
CA PRO A 216 -11.95 9.60 -9.17
C PRO A 216 -11.82 10.91 -9.95
N ASN A 217 -10.61 11.25 -10.35
CA ASN A 217 -10.36 12.45 -11.16
C ASN A 217 -11.01 12.38 -12.53
N PHE A 218 -11.27 11.19 -13.06
CA PHE A 218 -11.84 11.12 -14.41
C PHE A 218 -12.82 9.99 -14.72
N LEU A 219 -13.01 9.04 -13.82
CA LEU A 219 -14.06 8.02 -14.00
C LEU A 219 -15.15 8.12 -12.97
N GLY A 220 -16.35 7.76 -13.40
CA GLY A 220 -17.45 7.49 -12.49
C GLY A 220 -17.14 6.24 -11.70
N LYS A 221 -17.95 5.98 -10.69
CA LYS A 221 -17.75 4.85 -9.81
C LYS A 221 -18.44 3.62 -10.42
N ASN A 222 -17.85 2.45 -10.17
CA ASN A 222 -18.32 1.17 -10.70
C ASN A 222 -18.63 1.14 -12.22
N ILE A 223 -17.64 1.58 -12.99
CA ILE A 223 -17.67 1.49 -14.45
C ILE A 223 -16.96 0.20 -14.87
N PRO A 224 -17.55 -0.58 -15.78
CA PRO A 224 -16.91 -1.81 -16.21
C PRO A 224 -15.50 -1.61 -16.75
N CYS A 225 -14.64 -2.61 -16.49
CA CYS A 225 -13.23 -2.55 -16.83
C CYS A 225 -12.83 -3.72 -17.72
N LEU A 226 -12.24 -3.40 -18.88
CA LEU A 226 -11.72 -4.42 -19.80
C LEU A 226 -10.23 -4.54 -19.60
N VAL A 227 -9.75 -5.75 -19.32
CA VAL A 227 -8.35 -5.97 -18.95
C VAL A 227 -7.64 -6.91 -19.94
N PRO A 228 -7.05 -6.34 -21.02
CA PRO A 228 -6.27 -7.16 -21.94
C PRO A 228 -4.95 -7.56 -21.29
N GLN A 229 -4.53 -8.79 -21.54
CA GLN A 229 -3.40 -9.36 -20.86
C GLN A 229 -2.96 -10.61 -21.56
N GLY A 230 -1.69 -10.94 -21.40
CA GLY A 230 -1.22 -12.26 -21.75
C GLY A 230 -1.75 -13.20 -20.68
N ILE A 231 -1.85 -14.46 -21.06
CA ILE A 231 -2.52 -15.46 -20.24
C ILE A 231 -1.83 -15.66 -18.86
N ASP A 232 -0.56 -15.25 -18.74
CA ASP A 232 0.17 -15.37 -17.46
C ASP A 232 -0.34 -14.46 -16.34
N GLN A 233 -1.10 -13.43 -16.67
CA GLN A 233 -1.65 -12.51 -15.67
C GLN A 233 -2.98 -12.99 -15.08
N ASP A 234 -3.52 -14.06 -15.63
CA ASP A 234 -4.85 -14.48 -15.24
C ASP A 234 -5.04 -14.81 -13.74
N PRO A 235 -4.02 -15.35 -13.06
CA PRO A 235 -4.28 -15.65 -11.64
C PRO A 235 -4.72 -14.42 -10.83
N TYR A 236 -4.19 -13.24 -11.16
CA TYR A 236 -4.62 -12.02 -10.52
C TYR A 236 -6.08 -11.72 -10.76
N PHE A 237 -6.52 -11.90 -12.01
CA PHE A 237 -7.83 -11.38 -12.39
C PHE A 237 -8.94 -12.39 -12.20
N ARG A 238 -8.58 -13.66 -12.18
CA ARG A 238 -9.49 -14.70 -11.73
C ARG A 238 -9.83 -14.47 -10.27
N LEU A 239 -8.82 -14.15 -9.46
CA LEU A 239 -9.03 -13.75 -8.06
C LEU A 239 -9.84 -12.45 -7.95
N SER A 240 -9.53 -11.48 -8.82
CA SER A 240 -10.26 -10.20 -8.83
C SER A 240 -11.77 -10.37 -9.01
N ARG A 241 -12.17 -11.36 -9.79
CA ARG A 241 -13.59 -11.60 -10.06
C ARG A 241 -14.34 -12.11 -8.82
N ASP A 242 -13.72 -13.02 -8.07
CA ASP A 242 -14.30 -13.47 -6.79
C ASP A 242 -14.44 -12.31 -5.78
N ILE A 243 -13.40 -11.49 -5.71
CA ILE A 243 -13.35 -10.37 -4.74
C ILE A 243 -14.35 -9.28 -5.15
N ALA A 244 -14.47 -9.04 -6.45
CA ALA A 244 -15.44 -8.08 -6.97
C ALA A 244 -16.85 -8.37 -6.47
N VAL A 245 -17.24 -9.64 -6.45
CA VAL A 245 -18.56 -10.04 -5.99
C VAL A 245 -18.73 -9.66 -4.53
N LYS A 246 -17.73 -9.94 -3.72
CA LYS A 246 -17.77 -9.61 -2.30
C LYS A 246 -17.84 -8.09 -2.06
N MET A 247 -17.19 -7.31 -2.94
CA MET A 247 -17.22 -5.86 -2.86
C MET A 247 -18.48 -5.26 -3.49
N ALA A 248 -19.33 -6.09 -4.08
CA ALA A 248 -20.54 -5.64 -4.79
C ALA A 248 -20.19 -4.68 -5.91
N LEU A 249 -19.14 -5.00 -6.65
CA LEU A 249 -18.69 -4.20 -7.79
C LEU A 249 -18.64 -5.11 -9.01
N HIS A 250 -18.65 -4.53 -10.20
CA HIS A 250 -18.54 -5.29 -11.44
C HIS A 250 -17.31 -6.19 -11.42
N LYS A 251 -17.47 -7.40 -11.94
CA LYS A 251 -16.34 -8.29 -12.13
C LYS A 251 -15.53 -7.80 -13.32
N PRO A 252 -14.21 -7.82 -13.20
CA PRO A 252 -13.38 -7.38 -14.33
C PRO A 252 -13.58 -8.27 -15.56
N VAL A 253 -13.67 -7.64 -16.73
CA VAL A 253 -13.79 -8.32 -17.99
C VAL A 253 -12.38 -8.53 -18.51
N VAL A 254 -12.04 -9.77 -18.83
CA VAL A 254 -10.67 -10.09 -19.28
C VAL A 254 -10.69 -10.58 -20.71
N VAL A 255 -9.65 -10.23 -21.47
CA VAL A 255 -9.39 -10.84 -22.76
C VAL A 255 -7.94 -11.24 -22.75
N HIS A 256 -7.69 -12.51 -23.05
CA HIS A 256 -6.34 -13.07 -22.96
C HIS A 256 -5.73 -13.26 -24.32
N SER A 257 -4.43 -13.00 -24.39
CA SER A 257 -3.62 -13.24 -25.57
C SER A 257 -2.80 -14.51 -25.40
N VAL A 258 -2.54 -15.21 -26.51
CA VAL A 258 -1.43 -16.19 -26.55
C VAL A 258 -0.09 -15.46 -26.39
N PHE A 259 0.98 -16.21 -26.14
CA PHE A 259 2.32 -15.61 -26.15
C PHE A 259 2.88 -15.59 -27.56
N MET A 260 3.44 -14.46 -27.97
CA MET A 260 4.27 -14.41 -29.17
C MET A 260 5.51 -15.25 -28.89
N PRO A 261 5.77 -16.28 -29.73
CA PRO A 261 6.93 -17.13 -29.47
C PRO A 261 8.26 -16.45 -29.72
N GLY A 262 9.32 -17.06 -29.19
CA GLY A 262 10.69 -16.67 -29.52
C GLY A 262 11.08 -17.16 -30.90
N LEU A 263 12.21 -16.71 -31.40
CA LEU A 263 12.66 -17.07 -32.75
C LEU A 263 13.05 -18.54 -32.85
N GLN A 264 13.57 -19.11 -31.76
CA GLN A 264 14.02 -20.51 -31.72
C GLN A 264 12.92 -21.51 -32.15
N GLY A 265 11.66 -21.20 -31.88
CA GLY A 265 10.53 -22.08 -32.23
C GLY A 265 9.19 -21.62 -31.68
N VAL A 266 8.11 -22.19 -32.21
CA VAL A 266 6.74 -21.77 -31.86
C VAL A 266 6.30 -22.19 -30.46
N ASN A 267 6.86 -23.29 -29.95
CA ASN A 267 6.52 -23.79 -28.62
C ASN A 267 7.31 -23.10 -27.52
N SER A 268 7.14 -21.78 -27.42
CA SER A 268 7.88 -20.97 -26.44
C SER A 268 7.25 -19.58 -26.26
N LYS A 269 7.88 -18.80 -25.41
CA LYS A 269 7.51 -17.40 -25.17
C LYS A 269 8.76 -16.52 -25.40
N MET A 270 8.57 -15.39 -26.06
CA MET A 270 9.64 -14.40 -26.18
C MET A 270 9.86 -13.77 -24.79
N SER A 271 11.09 -13.85 -24.30
CA SER A 271 11.39 -13.53 -22.89
C SER A 271 12.70 -12.74 -22.70
N SER A 272 12.67 -11.81 -21.73
CA SER A 272 13.80 -10.98 -21.25
C SER A 272 13.76 -9.58 -21.88
N ASP A 288 23.83 -17.42 -27.34
CA ASP A 288 23.29 -16.24 -26.67
C ASP A 288 21.76 -16.25 -26.69
N HIS A 289 21.18 -15.76 -25.60
CA HIS A 289 19.76 -15.95 -25.30
C HIS A 289 18.94 -14.78 -25.88
N ASN A 290 19.60 -13.65 -26.11
CA ASN A 290 18.98 -12.50 -26.76
C ASN A 290 18.86 -12.66 -28.27
N ASN A 291 19.33 -13.77 -28.82
CA ASN A 291 19.17 -14.07 -30.24
C ASN A 291 17.81 -14.68 -30.57
N SER A 292 17.03 -14.99 -29.53
CA SER A 292 15.65 -15.47 -29.70
C SER A 292 14.61 -14.33 -29.59
N VAL A 293 15.08 -13.10 -29.39
CA VAL A 293 14.23 -11.97 -29.05
C VAL A 293 14.48 -10.79 -29.98
N ILE A 294 13.40 -10.16 -30.44
CA ILE A 294 13.48 -8.89 -31.16
C ILE A 294 13.25 -7.75 -30.17
N PHE A 295 14.32 -7.03 -29.83
CA PHE A 295 14.20 -5.86 -28.96
C PHE A 295 13.89 -4.63 -29.79
N LEU A 296 13.24 -3.66 -29.16
CA LEU A 296 12.85 -2.44 -29.86
C LEU A 296 14.02 -1.50 -30.05
N THR A 297 15.13 -1.77 -29.36
CA THR A 297 16.39 -1.06 -29.58
C THR A 297 17.28 -1.74 -30.63
N ASP A 298 16.82 -2.85 -31.20
CA ASP A 298 17.60 -3.54 -32.23
C ASP A 298 17.67 -2.73 -33.53
N THR A 299 18.83 -2.76 -34.17
CA THR A 299 19.03 -2.03 -35.43
C THR A 299 18.50 -2.87 -36.59
N PRO A 300 18.27 -2.25 -37.77
CA PRO A 300 17.91 -3.00 -38.97
C PRO A 300 18.89 -4.12 -39.29
N GLU A 301 20.18 -3.86 -39.07
CA GLU A 301 21.23 -4.85 -39.25
C GLU A 301 21.03 -6.05 -38.32
N GLN A 302 20.78 -5.80 -37.05
CA GLN A 302 20.59 -6.85 -36.05
C GLN A 302 19.32 -7.66 -36.31
N ILE A 303 18.26 -6.99 -36.75
CA ILE A 303 17.01 -7.66 -37.08
C ILE A 303 17.22 -8.62 -38.26
N LYS A 304 17.85 -8.12 -39.33
CA LYS A 304 18.14 -8.93 -40.50
C LYS A 304 18.87 -10.22 -40.13
N ASN A 305 19.90 -10.08 -39.29
CA ASN A 305 20.71 -11.21 -38.89
C ASN A 305 19.98 -12.19 -37.97
N LYS A 306 19.24 -11.68 -37.00
CA LYS A 306 18.47 -12.54 -36.10
C LYS A 306 17.48 -13.40 -36.87
N ILE A 307 16.81 -12.80 -37.84
CA ILE A 307 15.81 -13.51 -38.64
C ILE A 307 16.47 -14.53 -39.57
N ASN A 308 17.47 -14.08 -40.34
CA ASN A 308 18.16 -14.96 -41.28
C ASN A 308 18.87 -16.12 -40.60
N LYS A 309 19.46 -15.87 -39.44
CA LYS A 309 20.28 -16.89 -38.78
C LYS A 309 19.56 -17.74 -37.72
N TYR A 310 18.65 -17.13 -36.95
CA TYR A 310 18.06 -17.80 -35.76
C TYR A 310 16.57 -18.14 -35.85
N ALA A 311 15.84 -17.52 -36.77
CA ALA A 311 14.40 -17.80 -36.90
C ALA A 311 14.14 -19.16 -37.52
N PHE A 312 13.42 -20.00 -36.78
CA PHE A 312 13.13 -21.36 -37.22
C PHE A 312 12.35 -21.34 -38.54
N SER A 313 12.80 -22.16 -39.49
CA SER A 313 12.17 -22.26 -40.80
C SER A 313 11.31 -23.51 -40.87
N GLY A 314 10.08 -23.33 -41.35
CA GLY A 314 9.16 -24.45 -41.55
C GLY A 314 9.17 -24.99 -42.97
N GLY A 315 10.19 -24.60 -43.74
CA GLY A 315 10.35 -25.07 -45.12
C GLY A 315 11.26 -26.28 -45.26
N GLY A 316 11.39 -26.79 -46.47
CA GLY A 316 12.30 -27.88 -46.76
C GLY A 316 13.76 -27.48 -46.57
N THR A 317 14.61 -28.47 -46.31
CA THR A 317 16.05 -28.26 -46.15
C THR A 317 16.74 -28.00 -47.50
N THR A 318 16.18 -28.58 -48.56
CA THR A 318 16.60 -28.26 -49.94
C THR A 318 15.50 -27.52 -50.68
N ILE A 319 15.89 -26.78 -51.72
CA ILE A 319 14.93 -26.09 -52.57
C ILE A 319 14.01 -27.07 -53.28
N GLN A 320 14.58 -28.19 -53.73
CA GLN A 320 13.82 -29.25 -54.39
C GLN A 320 12.78 -29.82 -53.43
N GLU A 321 13.19 -30.10 -52.20
CA GLU A 321 12.27 -30.63 -51.19
C GLU A 321 11.15 -29.64 -50.84
N HIS A 322 11.50 -28.36 -50.74
CA HIS A 322 10.53 -27.31 -50.47
C HIS A 322 9.46 -27.21 -51.56
N ARG A 323 9.87 -27.29 -52.83
CA ARG A 323 8.93 -27.25 -53.96
C ARG A 323 7.96 -28.43 -53.89
N GLU A 324 8.44 -29.56 -53.39
CA GLU A 324 7.67 -30.82 -53.37
C GLU A 324 6.69 -30.91 -52.20
N LYS A 325 7.17 -30.60 -51.00
CA LYS A 325 6.40 -30.79 -49.77
C LYS A 325 5.76 -29.51 -49.26
N GLY A 326 6.36 -28.36 -49.59
CA GLY A 326 5.83 -27.06 -49.18
C GLY A 326 6.30 -26.62 -47.80
N GLY A 327 5.88 -25.43 -47.37
CA GLY A 327 6.18 -24.91 -46.04
C GLY A 327 5.14 -25.32 -44.99
N ASN A 328 5.62 -25.62 -43.79
CA ASN A 328 4.76 -25.88 -42.64
C ASN A 328 4.46 -24.55 -41.94
N LEU A 329 3.23 -24.05 -42.12
CA LEU A 329 2.83 -22.75 -41.54
C LEU A 329 2.76 -22.77 -40.02
N ASP A 330 2.40 -23.92 -39.45
CA ASP A 330 2.29 -24.05 -38.00
C ASP A 330 3.63 -23.95 -37.28
N LYS A 331 4.72 -24.29 -37.97
CA LYS A 331 6.05 -24.31 -37.36
C LYS A 331 6.94 -23.17 -37.83
N ASP A 332 6.64 -22.57 -38.98
CA ASP A 332 7.47 -21.49 -39.51
C ASP A 332 7.33 -20.19 -38.72
N ILE A 333 8.42 -19.79 -38.06
CA ILE A 333 8.43 -18.60 -37.22
C ILE A 333 8.14 -17.31 -37.99
N SER A 334 8.65 -17.19 -39.21
CA SER A 334 8.45 -15.97 -39.97
C SER A 334 7.00 -15.79 -40.37
N TYR A 335 6.31 -16.87 -40.72
CA TYR A 335 4.90 -16.79 -41.06
C TYR A 335 4.10 -16.44 -39.81
N GLN A 336 4.39 -17.13 -38.72
CA GLN A 336 3.72 -16.88 -37.45
C GLN A 336 3.85 -15.43 -37.02
N TYR A 337 5.06 -14.88 -37.07
CA TYR A 337 5.27 -13.46 -36.77
C TYR A 337 4.48 -12.55 -37.69
N LEU A 338 4.37 -12.91 -38.96
CA LEU A 338 3.58 -12.12 -39.91
C LEU A 338 2.10 -12.07 -39.55
N ARG A 339 1.60 -13.11 -38.87
CA ARG A 339 0.24 -13.11 -38.35
C ARG A 339 0.03 -11.99 -37.33
N TYR A 340 1.05 -11.67 -36.53
CA TYR A 340 0.99 -10.62 -35.52
C TYR A 340 1.19 -9.24 -36.13
N LEU A 341 2.02 -9.15 -37.16
CA LEU A 341 2.52 -7.85 -37.62
C LEU A 341 1.90 -7.32 -38.91
N LEU A 342 1.51 -8.21 -39.82
CA LEU A 342 0.97 -7.79 -41.10
C LEU A 342 -0.52 -7.48 -41.05
N GLU A 343 -0.87 -6.21 -41.29
CA GLU A 343 -2.26 -5.77 -41.13
C GLU A 343 -3.19 -6.24 -42.26
N ASP A 344 -2.65 -6.34 -43.47
CA ASP A 344 -3.43 -6.69 -44.67
C ASP A 344 -3.68 -8.19 -44.76
N ASP A 345 -4.94 -8.60 -44.62
CA ASP A 345 -5.31 -10.03 -44.63
C ASP A 345 -4.95 -10.71 -45.93
N ASN A 346 -5.27 -10.06 -47.04
CA ASN A 346 -5.02 -10.62 -48.37
C ASN A 346 -3.53 -10.89 -48.59
N LYS A 347 -2.69 -9.93 -48.19
CA LYS A 347 -1.24 -10.10 -48.30
C LYS A 347 -0.74 -11.27 -47.45
N LEU A 348 -1.31 -11.47 -46.27
CA LEU A 348 -0.94 -12.60 -45.42
C LEU A 348 -1.37 -13.93 -46.03
N ASN A 349 -2.60 -13.98 -46.54
CA ASN A 349 -3.13 -15.20 -47.17
C ASN A 349 -2.45 -15.53 -48.49
N GLU A 350 -1.97 -14.49 -49.19
CA GLU A 350 -1.19 -14.66 -50.42
C GLU A 350 0.16 -15.30 -50.08
N ILE A 351 0.84 -14.76 -49.07
CA ILE A 351 2.11 -15.30 -48.61
C ILE A 351 1.93 -16.71 -48.04
N GLY A 352 0.87 -16.91 -47.28
CA GLY A 352 0.61 -18.20 -46.62
C GLY A 352 0.36 -19.31 -47.60
N GLU A 353 -0.38 -19.01 -48.67
CA GLU A 353 -0.70 -20.00 -49.68
C GLU A 353 0.53 -20.37 -50.52
N LYS A 354 1.28 -19.36 -50.95
CA LYS A 354 2.50 -19.57 -51.72
C LYS A 354 3.55 -20.38 -50.96
N TYR A 355 3.68 -20.12 -49.67
CA TYR A 355 4.66 -20.81 -48.84
C TYR A 355 4.22 -22.23 -48.58
N LYS A 356 2.93 -22.41 -48.30
CA LYS A 356 2.35 -23.73 -48.09
C LYS A 356 2.53 -24.61 -49.32
N LYS A 357 2.28 -24.03 -50.50
CA LYS A 357 2.37 -24.75 -51.78
C LYS A 357 3.82 -24.99 -52.24
N GLY A 358 4.76 -24.22 -51.71
CA GLY A 358 6.16 -24.29 -52.12
C GLY A 358 6.56 -23.22 -53.13
N GLU A 359 5.60 -22.41 -53.57
CA GLU A 359 5.87 -21.34 -54.55
C GLU A 359 6.71 -20.18 -53.98
N MET A 360 6.87 -20.13 -52.66
CA MET A 360 7.71 -19.12 -52.01
C MET A 360 8.76 -19.80 -51.14
N LEU A 361 10.00 -19.34 -51.26
CA LEU A 361 11.12 -19.91 -50.53
C LEU A 361 11.22 -19.31 -49.12
N SER A 362 11.81 -20.08 -48.20
CA SER A 362 12.08 -19.62 -46.84
C SER A 362 12.86 -18.31 -46.81
N GLY A 363 13.78 -18.16 -47.75
CA GLY A 363 14.55 -16.92 -47.85
C GLY A 363 13.67 -15.72 -48.14
N GLU A 364 12.64 -15.90 -48.98
CA GLU A 364 11.75 -14.82 -49.35
C GLU A 364 10.81 -14.42 -48.19
N ILE A 365 10.24 -15.40 -47.50
CA ILE A 365 9.33 -15.09 -46.40
C ILE A 365 10.05 -14.43 -45.23
N LYS A 366 11.27 -14.89 -44.95
CA LYS A 366 12.13 -14.24 -43.96
C LYS A 366 12.44 -12.80 -44.35
N LYS A 367 12.63 -12.57 -45.64
CA LYS A 367 12.92 -11.23 -46.15
C LYS A 367 11.71 -10.31 -46.02
N ILE A 368 10.51 -10.87 -46.16
CA ILE A 368 9.28 -10.10 -46.01
C ILE A 368 9.15 -9.64 -44.55
N LEU A 369 9.34 -10.58 -43.64
CA LEU A 369 9.32 -10.30 -42.21
C LEU A 369 10.32 -9.21 -41.82
N ILE A 370 11.55 -9.32 -42.31
CA ILE A 370 12.60 -8.36 -41.98
C ILE A 370 12.23 -6.94 -42.38
N ASP A 371 11.67 -6.80 -43.58
CA ASP A 371 11.22 -5.49 -44.05
C ASP A 371 10.08 -4.97 -43.18
N VAL A 372 9.20 -5.87 -42.76
CA VAL A 372 8.06 -5.50 -41.91
C VAL A 372 8.53 -5.08 -40.52
N LEU A 373 9.39 -5.89 -39.91
CA LEU A 373 10.00 -5.59 -38.61
C LEU A 373 10.81 -4.29 -38.62
N THR A 374 11.64 -4.15 -39.63
CA THR A 374 12.53 -3.00 -39.74
C THR A 374 11.70 -1.73 -39.79
N GLU A 375 10.61 -1.78 -40.54
CA GLU A 375 9.71 -0.64 -40.63
C GLU A 375 9.10 -0.35 -39.26
N LEU A 376 8.55 -1.38 -38.63
CA LEU A 376 7.90 -1.25 -37.32
C LEU A 376 8.88 -0.68 -36.28
N VAL A 377 10.08 -1.26 -36.24
CA VAL A 377 11.07 -0.88 -35.25
C VAL A 377 11.64 0.52 -35.50
N LEU A 378 11.86 0.86 -36.76
CA LEU A 378 12.38 2.20 -37.09
C LEU A 378 11.35 3.28 -36.80
N LYS A 379 10.08 3.01 -37.11
CA LYS A 379 9.01 3.93 -36.76
C LYS A 379 8.91 4.09 -35.24
N HIS A 380 9.05 2.99 -34.51
CA HIS A 380 9.02 3.00 -33.05
C HIS A 380 10.14 3.85 -32.47
N GLN A 381 11.36 3.66 -32.95
CA GLN A 381 12.52 4.43 -32.46
C GLN A 381 12.45 5.90 -32.83
N GLU A 382 11.95 6.19 -34.03
CA GLU A 382 11.75 7.56 -34.49
C GLU A 382 10.78 8.28 -33.54
N LYS A 383 9.65 7.65 -33.23
CA LYS A 383 8.66 8.18 -32.31
C LYS A 383 9.25 8.37 -30.90
N LYS A 384 9.90 7.33 -30.40
CA LYS A 384 10.50 7.35 -29.07
C LYS A 384 11.52 8.48 -28.90
N LYS A 385 12.44 8.59 -29.85
CA LYS A 385 13.44 9.66 -29.82
C LYS A 385 12.78 11.05 -29.78
N SER A 386 11.65 11.20 -30.48
CA SER A 386 10.95 12.49 -30.58
C SER A 386 10.19 12.91 -29.32
N LEU A 387 9.93 11.99 -28.40
CA LEU A 387 9.14 12.31 -27.20
C LEU A 387 9.78 13.36 -26.30
N THR A 388 9.03 14.41 -25.98
CA THR A 388 9.49 15.45 -25.06
C THR A 388 9.04 15.13 -23.63
N ASP A 389 9.73 15.71 -22.65
CA ASP A 389 9.30 15.59 -21.26
C ASP A 389 7.85 16.02 -21.12
N GLU A 390 7.48 17.10 -21.79
CA GLU A 390 6.10 17.61 -21.76
C GLU A 390 5.09 16.60 -22.31
N GLU A 391 5.41 15.97 -23.43
CA GLU A 391 4.54 14.94 -24.01
C GLU A 391 4.37 13.75 -23.07
N ILE A 392 5.48 13.33 -22.45
CA ILE A 392 5.48 12.19 -21.56
C ILE A 392 4.66 12.51 -20.31
N SER A 393 4.96 13.65 -19.68
CA SER A 393 4.24 14.10 -18.47
C SER A 393 2.74 14.15 -18.68
N TYR A 394 2.32 14.52 -19.88
CA TYR A 394 0.91 14.64 -20.19
C TYR A 394 0.17 13.32 -20.01
N PHE A 395 0.81 12.20 -20.33
CA PHE A 395 0.21 10.88 -20.14
C PHE A 395 -0.09 10.59 -18.66
N PHE A 396 0.66 11.23 -17.75
CA PHE A 396 0.49 11.03 -16.30
C PHE A 396 -0.53 11.98 -15.65
N ASP A 397 -1.19 12.81 -16.45
CA ASP A 397 -2.11 13.83 -15.94
C ASP A 397 -3.53 13.27 -15.93
N PRO A 398 -4.10 13.09 -14.71
CA PRO A 398 -5.44 12.52 -14.58
C PRO A 398 -6.58 13.52 -14.83
N ASN A 399 -6.24 14.81 -14.98
CA ASN A 399 -7.25 15.87 -15.13
C ASN A 399 -7.46 16.37 -16.56
N LYS A 400 -6.99 15.62 -17.54
CA LYS A 400 -7.28 15.92 -18.93
C LYS A 400 -8.78 15.90 -19.20
N PRO A 401 -9.32 16.95 -19.85
CA PRO A 401 -10.74 17.04 -20.20
C PRO A 401 -11.26 15.89 -21.04
N SER A 402 -10.46 15.39 -21.95
CA SER A 402 -10.88 14.25 -22.78
C SER A 402 -11.06 13.00 -21.92
N LEU A 403 -10.18 12.83 -20.95
CA LEU A 403 -10.33 11.74 -19.94
C LEU A 403 -11.59 11.93 -19.07
N GLN A 404 -11.90 13.18 -18.75
CA GLN A 404 -12.97 13.46 -17.81
C GLN A 404 -14.38 13.41 -18.41
N LYS A 405 -14.48 13.12 -19.70
CA LYS A 405 -15.75 13.04 -20.38
C LYS A 405 -16.60 11.94 -19.74
N PHE A 406 -15.95 10.91 -19.17
CA PHE A 406 -16.66 9.79 -18.56
C PHE A 406 -16.79 9.92 -17.04
N LYS A 407 -16.42 11.07 -16.48
CA LYS A 407 -16.39 11.25 -15.03
C LYS A 407 -17.76 11.10 -14.37
N ASN A 408 -18.82 11.44 -15.09
CA ASN A 408 -20.19 11.35 -14.57
C ASN A 408 -21.07 10.46 -15.46
N MET A 409 -20.43 9.63 -16.28
CA MET A 409 -21.07 9.09 -17.48
C MET A 409 -21.68 7.72 -17.28
N GLY B 21 0.02 -10.71 37.11
CA GLY B 21 0.44 -9.32 36.77
C GLY B 21 1.42 -9.22 35.63
N ILE B 22 1.65 -8.00 35.17
CA ILE B 22 2.65 -7.71 34.16
C ILE B 22 3.98 -7.37 34.83
N ASN B 23 4.96 -8.26 34.68
CA ASN B 23 6.30 -8.03 35.21
C ASN B 23 7.09 -7.17 34.21
N TYR B 24 7.12 -5.86 34.46
CA TYR B 24 7.72 -4.90 33.53
C TYR B 24 9.24 -5.04 33.41
N ASN B 25 9.89 -5.40 34.52
CA ASN B 25 11.33 -5.68 34.52
C ASN B 25 11.69 -6.82 33.58
N LYS B 26 10.91 -7.90 33.63
CA LYS B 26 11.11 -9.05 32.73
C LYS B 26 10.86 -8.70 31.26
N LEU B 27 10.08 -7.65 31.01
CA LEU B 27 9.88 -7.17 29.64
C LEU B 27 11.11 -6.40 29.14
N ILE B 28 11.61 -5.47 29.94
CA ILE B 28 12.84 -4.74 29.62
C ILE B 28 13.93 -5.69 29.12
N LYS B 29 14.23 -6.70 29.94
CA LYS B 29 15.33 -7.62 29.66
C LYS B 29 15.02 -8.56 28.49
N GLU B 30 13.75 -8.94 28.35
CA GLU B 30 13.31 -9.82 27.26
C GLU B 30 13.24 -9.07 25.92
N PHE B 31 12.66 -7.87 25.92
CA PHE B 31 12.58 -7.03 24.72
C PHE B 31 13.91 -6.35 24.39
N GLY B 32 14.76 -6.13 25.40
CA GLY B 32 16.08 -5.53 25.20
C GLY B 32 16.15 -4.02 25.35
N CYS B 33 15.30 -3.46 26.23
CA CYS B 33 15.28 -2.03 26.51
C CYS B 33 16.19 -1.67 27.68
N SER B 34 16.27 -0.38 27.99
CA SER B 34 16.95 0.11 29.17
C SER B 34 16.00 1.00 29.94
N LYS B 35 16.16 1.06 31.26
CA LYS B 35 15.34 1.92 32.08
C LYS B 35 15.74 3.37 31.95
N ILE B 36 14.76 4.25 32.01
CA ILE B 36 15.01 5.69 32.11
C ILE B 36 15.48 5.97 33.55
N THR B 37 16.52 6.77 33.68
CA THR B 37 17.22 6.96 34.95
C THR B 37 17.05 8.39 35.43
N GLU B 38 17.52 8.66 36.63
CA GLU B 38 17.48 10.03 37.16
C GLU B 38 18.34 10.95 36.32
N ASN B 39 19.47 10.45 35.83
CA ASN B 39 20.36 11.27 35.01
C ASN B 39 19.72 11.63 33.66
N HIS B 40 18.90 10.73 33.11
CA HIS B 40 18.11 11.07 31.92
C HIS B 40 17.15 12.25 32.19
N ILE B 41 16.53 12.23 33.36
CA ILE B 41 15.59 13.28 33.75
C ILE B 41 16.27 14.63 33.88
N LYS B 42 17.36 14.68 34.64
CA LYS B 42 18.15 15.90 34.80
C LYS B 42 18.60 16.45 33.46
N ARG B 43 19.15 15.56 32.63
CA ARG B 43 19.59 15.88 31.30
C ARG B 43 18.45 16.53 30.50
N ILE B 44 17.26 15.93 30.56
CA ILE B 44 16.08 16.48 29.89
C ILE B 44 15.74 17.87 30.40
N GLU B 45 15.75 18.02 31.72
CA GLU B 45 15.46 19.31 32.34
C GLU B 45 16.49 20.38 31.98
N LYS B 46 17.75 19.97 31.80
CA LYS B 46 18.80 20.90 31.39
C LYS B 46 18.55 21.39 29.97
N LEU B 47 18.22 20.45 29.08
CA LEU B 47 18.02 20.77 27.67
C LEU B 47 16.74 21.55 27.38
N THR B 48 15.68 21.30 28.15
CA THR B 48 14.39 21.97 27.95
C THR B 48 14.16 23.16 28.90
N ASN B 49 15.06 23.35 29.88
CA ASN B 49 14.95 24.42 30.91
C ASN B 49 13.58 24.45 31.55
N SER B 50 13.11 23.27 31.95
CA SER B 50 11.76 23.06 32.43
C SER B 50 11.72 21.77 33.24
N LYS B 51 10.90 21.75 34.29
CA LYS B 51 10.70 20.54 35.10
C LYS B 51 10.16 19.41 34.21
N ALA B 52 10.66 18.21 34.42
CA ALA B 52 10.22 17.04 33.63
C ALA B 52 8.80 16.64 34.02
N HIS B 53 8.06 16.09 33.07
CA HIS B 53 6.69 15.67 33.29
C HIS B 53 6.65 14.57 34.35
N HIS B 54 5.57 14.54 35.15
CA HIS B 54 5.43 13.56 36.24
C HIS B 54 5.51 12.11 35.80
N PHE B 55 5.12 11.81 34.57
CA PHE B 55 5.19 10.45 34.03
C PHE B 55 6.61 9.91 34.05
N ILE B 56 7.60 10.76 33.82
CA ILE B 56 9.00 10.31 33.83
C ILE B 56 9.51 10.21 35.27
N ARG B 57 9.31 11.28 36.02
CA ARG B 57 9.66 11.31 37.45
C ARG B 57 9.09 10.12 38.23
N ARG B 58 7.84 9.75 37.95
CA ARG B 58 7.14 8.73 38.74
C ARG B 58 7.18 7.34 38.12
N GLY B 59 7.96 7.17 37.06
CA GLY B 59 8.20 5.85 36.49
C GLY B 59 7.05 5.29 35.68
N ILE B 60 6.22 6.17 35.11
CA ILE B 60 5.13 5.74 34.25
C ILE B 60 5.72 5.46 32.86
N PHE B 61 6.44 6.45 32.33
CA PHE B 61 7.32 6.25 31.20
C PHE B 61 8.66 5.85 31.80
N PHE B 62 9.03 4.58 31.62
CA PHE B 62 10.06 3.94 32.44
C PHE B 62 11.17 3.28 31.65
N SER B 63 11.03 3.24 30.34
CA SER B 63 11.85 2.39 29.49
C SER B 63 12.09 3.06 28.15
N HIS B 64 13.22 2.74 27.51
CA HIS B 64 13.60 3.40 26.26
C HIS B 64 14.59 2.60 25.43
N ARG B 65 14.76 3.04 24.19
CA ARG B 65 15.93 2.69 23.39
C ARG B 65 16.50 3.94 22.72
N ASP B 66 17.80 4.13 22.86
CA ASP B 66 18.54 5.24 22.25
C ASP B 66 18.11 6.63 22.71
N LEU B 67 17.71 6.75 23.97
CA LEU B 67 17.30 8.04 24.50
C LEU B 67 18.49 9.01 24.56
N ASP B 68 19.65 8.50 24.98
CA ASP B 68 20.84 9.34 25.07
C ASP B 68 21.26 9.89 23.71
N PHE B 69 21.25 9.04 22.69
CA PHE B 69 21.52 9.52 21.33
C PHE B 69 20.58 10.67 20.99
N LEU B 70 19.29 10.51 21.25
CA LEU B 70 18.33 11.57 20.93
C LEU B 70 18.64 12.87 21.67
N LEU B 71 18.89 12.77 22.96
CA LEU B 71 19.14 13.96 23.77
C LEU B 71 20.41 14.66 23.32
N ASN B 72 21.44 13.88 23.03
CA ASN B 72 22.65 14.45 22.47
C ASN B 72 22.42 15.10 21.12
N TYR B 73 21.59 14.46 20.29
CA TYR B 73 21.27 14.99 18.97
C TYR B 73 20.59 16.34 19.13
N TYR B 74 19.66 16.43 20.08
CA TYR B 74 18.92 17.67 20.31
C TYR B 74 19.86 18.77 20.79
N GLU B 75 20.80 18.41 21.64
CA GLU B 75 21.78 19.34 22.16
C GLU B 75 22.65 19.95 21.06
N GLN B 76 23.12 19.12 20.11
CA GLN B 76 23.97 19.59 19.02
C GLN B 76 23.16 20.31 17.94
N HIS B 77 22.00 19.76 17.57
CA HIS B 77 21.24 20.22 16.41
C HIS B 77 19.87 20.87 16.70
N LYS B 78 19.43 20.87 17.95
CA LYS B 78 18.12 21.46 18.34
C LYS B 78 16.99 21.01 17.43
N CYS B 79 16.91 19.71 17.20
CA CYS B 79 16.09 19.21 16.12
C CYS B 79 15.79 17.72 16.25
N PHE B 80 14.51 17.37 16.30
CA PHE B 80 14.02 16.00 16.05
C PHE B 80 12.51 16.09 15.88
N TYR B 81 11.82 14.96 15.70
CA TYR B 81 10.36 14.98 15.72
C TYR B 81 9.79 13.84 16.53
N ILE B 82 8.52 13.99 16.92
CA ILE B 82 7.82 13.03 17.77
C ILE B 82 6.74 12.33 16.96
N TYR B 83 6.63 11.02 17.13
CA TYR B 83 5.64 10.23 16.39
C TYR B 83 4.92 9.33 17.37
N THR B 84 3.59 9.36 17.31
CA THR B 84 2.78 8.37 18.03
C THR B 84 1.49 8.16 17.27
N GLY B 85 0.67 7.22 17.73
CA GLY B 85 -0.53 6.87 16.97
C GLY B 85 -1.70 6.34 17.76
N ARG B 86 -2.82 6.23 17.06
CA ARG B 86 -4.05 5.73 17.62
C ARG B 86 -4.75 4.86 16.58
N GLY B 87 -5.16 3.66 17.00
CA GLY B 87 -6.01 2.79 16.20
C GLY B 87 -7.47 3.00 16.56
N PRO B 88 -8.26 3.56 15.63
CA PRO B 88 -9.67 3.90 15.90
C PRO B 88 -10.61 2.69 15.86
N SER B 89 -10.65 1.94 16.95
CA SER B 89 -11.47 0.74 17.06
C SER B 89 -12.73 0.98 17.89
N SER B 90 -12.78 2.10 18.59
CA SER B 90 -13.94 2.46 19.41
C SER B 90 -14.30 3.93 19.31
N LEU B 91 -15.58 4.20 19.55
CA LEU B 91 -16.13 5.54 19.40
C LEU B 91 -15.54 6.48 20.41
N SER B 92 -15.30 6.02 21.62
CA SER B 92 -14.53 6.84 22.54
C SER B 92 -13.38 6.09 23.24
N MET B 93 -12.32 6.85 23.38
CA MET B 93 -11.10 6.39 23.99
C MET B 93 -11.25 6.47 25.49
N HIS B 94 -10.40 5.74 26.20
CA HIS B 94 -10.37 5.80 27.66
C HIS B 94 -9.09 6.50 28.12
N LEU B 95 -8.96 6.68 29.44
CA LEU B 95 -7.86 7.45 30.01
C LEU B 95 -6.50 6.90 29.63
N GLY B 96 -6.38 5.58 29.63
CA GLY B 96 -5.15 4.92 29.22
C GLY B 96 -4.66 5.34 27.84
N HIS B 97 -5.57 5.48 26.89
CA HIS B 97 -5.24 5.92 25.54
C HIS B 97 -4.65 7.32 25.52
N LEU B 98 -4.95 8.13 26.53
CA LEU B 98 -4.44 9.51 26.54
C LEU B 98 -3.05 9.66 27.14
N ILE B 99 -2.60 8.66 27.89
CA ILE B 99 -1.27 8.71 28.53
C ILE B 99 -0.18 9.08 27.52
N PRO B 100 -0.06 8.34 26.41
CA PRO B 100 0.92 8.73 25.41
C PRO B 100 0.72 10.14 24.86
N PHE B 101 -0.54 10.54 24.68
CA PHE B 101 -0.85 11.83 24.08
C PHE B 101 -0.57 12.99 25.03
N TYR B 102 -0.89 12.82 26.31
CA TYR B 102 -0.47 13.80 27.31
C TYR B 102 1.05 13.94 27.31
N PHE B 103 1.74 12.81 27.24
CA PHE B 103 3.20 12.81 27.22
C PHE B 103 3.77 13.52 25.96
N CYS B 104 3.15 13.26 24.80
CA CYS B 104 3.53 13.96 23.57
C CYS B 104 3.25 15.44 23.65
N LYS B 105 2.17 15.83 24.31
CA LYS B 105 1.91 17.23 24.50
C LYS B 105 3.06 17.89 25.24
N TYR B 106 3.50 17.24 26.31
CA TYR B 106 4.64 17.73 27.08
C TYR B 106 5.90 17.80 26.22
N LEU B 107 6.24 16.70 25.55
CA LEU B 107 7.46 16.63 24.73
C LEU B 107 7.50 17.72 23.67
N GLN B 108 6.37 17.90 23.00
CA GLN B 108 6.18 18.95 22.01
C GLN B 108 6.48 20.34 22.59
N GLU B 109 5.90 20.65 23.75
CA GLU B 109 6.14 21.93 24.44
C GLU B 109 7.57 22.11 24.92
N ALA B 110 8.06 21.12 25.66
CA ALA B 110 9.37 21.20 26.30
C ALA B 110 10.53 21.29 25.29
N PHE B 111 10.47 20.49 24.22
CA PHE B 111 11.53 20.47 23.20
C PHE B 111 11.26 21.38 22.01
N ASN B 112 10.01 21.79 21.81
CA ASN B 112 9.63 22.73 20.74
C ASN B 112 9.90 22.11 19.36
N VAL B 113 9.31 20.94 19.13
CA VAL B 113 9.53 20.16 17.92
C VAL B 113 8.20 19.65 17.37
N PRO B 114 8.17 19.26 16.08
CA PRO B 114 6.93 18.73 15.49
C PRO B 114 6.49 17.40 16.07
N LEU B 115 5.17 17.18 16.03
CA LEU B 115 4.54 15.95 16.46
C LEU B 115 3.66 15.46 15.32
N VAL B 116 3.90 14.22 14.89
CA VAL B 116 3.09 13.59 13.87
C VAL B 116 2.30 12.44 14.49
N ILE B 117 1.02 12.36 14.15
CA ILE B 117 0.11 11.41 14.75
C ILE B 117 -0.59 10.61 13.68
N GLN B 118 -0.36 9.30 13.69
CA GLN B 118 -0.98 8.38 12.75
C GLN B 118 -2.28 7.88 13.31
N LEU B 119 -3.34 7.98 12.52
CA LEU B 119 -4.58 7.30 12.81
C LEU B 119 -4.57 6.07 11.95
N SER B 120 -4.39 4.90 12.56
CA SER B 120 -4.29 3.66 11.81
C SER B 120 -5.69 3.11 11.53
N ASP B 121 -6.47 3.87 10.78
CA ASP B 121 -7.78 3.42 10.36
C ASP B 121 -7.72 2.18 9.47
N ASP B 122 -6.66 2.06 8.66
CA ASP B 122 -6.44 0.86 7.86
C ASP B 122 -6.28 -0.37 8.76
N GLU B 123 -5.47 -0.25 9.80
CA GLU B 123 -5.32 -1.33 10.78
C GLU B 123 -6.66 -1.82 11.27
N LYS B 124 -7.49 -0.90 11.75
CA LYS B 124 -8.69 -1.31 12.45
C LYS B 124 -9.77 -1.78 11.51
N TYR B 125 -9.78 -1.26 10.28
CA TYR B 125 -10.64 -1.80 9.23
C TYR B 125 -10.24 -3.24 8.95
N LEU B 126 -8.93 -3.48 8.82
CA LEU B 126 -8.42 -4.79 8.49
C LEU B 126 -8.53 -5.83 9.61
N PHE B 127 -8.45 -5.40 10.86
CA PHE B 127 -8.48 -6.32 12.00
C PHE B 127 -9.90 -6.62 12.51
N ASN B 128 -10.89 -5.83 12.11
CA ASN B 128 -12.28 -6.06 12.58
C ASN B 128 -13.17 -6.45 11.41
N GLN B 129 -13.55 -7.72 11.35
CA GLN B 129 -14.15 -8.29 10.15
C GLN B 129 -15.45 -7.61 9.73
N ASN B 130 -16.25 -7.20 10.71
CA ASN B 130 -17.58 -6.64 10.42
C ASN B 130 -17.61 -5.12 10.32
N TYR B 131 -16.45 -4.47 10.45
CA TYR B 131 -16.36 -3.01 10.39
C TYR B 131 -16.05 -2.57 8.96
N SER B 132 -16.87 -1.66 8.45
CA SER B 132 -16.62 -1.07 7.13
C SER B 132 -15.63 0.10 7.28
N LEU B 133 -15.07 0.53 6.17
CA LEU B 133 -14.23 1.74 6.18
C LEU B 133 -15.05 2.96 6.66
N GLU B 134 -16.28 3.06 6.17
CA GLU B 134 -17.21 4.14 6.54
C GLU B 134 -17.47 4.19 8.06
N TYR B 135 -17.73 3.03 8.66
CA TYR B 135 -17.86 2.95 10.11
C TYR B 135 -16.57 3.34 10.85
N ILE B 136 -15.42 2.84 10.41
CA ILE B 136 -14.13 3.19 11.02
C ILE B 136 -13.93 4.71 10.98
N ASN B 137 -14.40 5.36 9.92
CA ASN B 137 -14.18 6.78 9.77
C ASN B 137 -14.96 7.63 10.77
N THR B 138 -16.18 7.22 11.12
CA THR B 138 -16.91 7.89 12.19
C THR B 138 -16.10 7.82 13.50
N LEU B 139 -15.50 6.66 13.77
CA LEU B 139 -14.68 6.49 14.97
C LEU B 139 -13.43 7.36 14.91
N THR B 140 -12.77 7.36 13.76
CA THR B 140 -11.58 8.16 13.56
C THR B 140 -11.82 9.64 13.82
N ASN B 141 -12.88 10.19 13.23
CA ASN B 141 -13.16 11.61 13.39
C ASN B 141 -13.40 11.97 14.86
N GLU B 142 -14.12 11.12 15.59
CA GLU B 142 -14.36 11.34 17.02
C GLU B 142 -13.06 11.21 17.82
N ASN B 143 -12.30 10.16 17.55
CA ASN B 143 -11.01 9.96 18.18
C ASN B 143 -10.06 11.17 17.97
N VAL B 144 -10.08 11.74 16.78
CA VAL B 144 -9.22 12.87 16.46
C VAL B 144 -9.55 14.07 17.34
N LYS B 145 -10.83 14.29 17.58
CA LYS B 145 -11.25 15.33 18.51
C LYS B 145 -10.74 15.04 19.91
N ASP B 146 -10.81 13.79 20.35
CA ASP B 146 -10.30 13.42 21.67
C ASP B 146 -8.81 13.72 21.77
N ILE B 147 -8.08 13.37 20.70
CA ILE B 147 -6.64 13.59 20.63
C ILE B 147 -6.30 15.07 20.67
N ILE B 148 -6.96 15.86 19.84
CA ILE B 148 -6.78 17.31 19.87
C ILE B 148 -7.11 17.91 21.24
N SER B 149 -8.17 17.41 21.88
CA SER B 149 -8.67 17.99 23.14
C SER B 149 -7.74 17.82 24.35
N VAL B 150 -6.64 17.09 24.17
CA VAL B 150 -5.57 17.02 25.14
C VAL B 150 -4.80 18.34 25.26
N GLY B 151 -4.94 19.22 24.28
CA GLY B 151 -4.30 20.54 24.28
C GLY B 151 -3.05 20.61 23.42
N LEU B 152 -3.01 19.78 22.39
CA LEU B 152 -1.85 19.74 21.50
C LEU B 152 -1.71 21.09 20.83
N ASN B 153 -0.47 21.48 20.56
CA ASN B 153 -0.19 22.73 19.88
C ASN B 153 -0.47 22.58 18.39
N PRO B 154 -1.54 23.22 17.88
CA PRO B 154 -1.92 23.07 16.46
C PRO B 154 -0.81 23.49 15.51
N GLU B 155 0.00 24.46 15.90
CA GLU B 155 1.06 24.98 15.05
C GLU B 155 2.21 23.98 14.83
N LEU B 156 2.39 23.04 15.75
CA LEU B 156 3.48 22.05 15.68
C LEU B 156 2.95 20.61 15.58
N THR B 157 1.72 20.43 15.09
CA THR B 157 1.13 19.09 15.04
C THR B 157 0.62 18.75 13.65
N PHE B 158 0.90 17.53 13.22
CA PHE B 158 0.38 17.01 11.96
C PHE B 158 -0.28 15.66 12.22
N ILE B 159 -1.59 15.63 12.04
CA ILE B 159 -2.34 14.40 12.16
C ILE B 159 -2.65 13.92 10.76
N PHE B 160 -2.60 12.60 10.56
CA PHE B 160 -2.96 12.02 9.27
C PHE B 160 -3.68 10.67 9.42
N LYS B 161 -4.58 10.39 8.48
CA LYS B 161 -5.21 9.08 8.36
C LYS B 161 -4.44 8.26 7.33
N ASN B 162 -4.08 7.03 7.68
CA ASN B 162 -3.43 6.13 6.72
C ASN B 162 -4.26 5.95 5.43
N THR B 163 -5.59 5.95 5.54
CA THR B 163 -6.44 5.82 4.34
C THR B 163 -6.24 6.96 3.37
N GLU B 164 -5.83 8.13 3.87
CA GLU B 164 -5.64 9.32 3.05
C GLU B 164 -4.16 9.64 2.75
N TYR B 165 -3.25 9.17 3.61
CA TYR B 165 -1.85 9.59 3.54
C TYR B 165 -0.92 8.51 3.00
N ALA B 166 -1.48 7.37 2.59
CA ALA B 166 -0.67 6.23 2.17
C ALA B 166 0.28 6.53 0.99
N GLY B 167 -0.13 7.42 0.10
CA GLY B 167 0.73 7.84 -1.01
C GLY B 167 2.07 8.37 -0.53
N TYR B 168 2.09 9.05 0.60
CA TYR B 168 3.33 9.62 1.13
C TYR B 168 4.18 8.56 1.82
N LEU B 169 3.53 7.53 2.35
CA LEU B 169 4.22 6.49 3.10
C LEU B 169 4.75 5.35 2.23
N TYR B 170 4.18 5.18 1.03
CA TYR B 170 4.34 3.91 0.31
C TYR B 170 5.77 3.57 -0.10
N PRO B 171 6.52 4.54 -0.66
CA PRO B 171 7.92 4.20 -1.00
C PRO B 171 8.72 3.67 0.18
N THR B 172 8.47 4.22 1.36
CA THR B 172 9.15 3.78 2.54
C THR B 172 8.62 2.42 2.98
N VAL B 173 7.29 2.26 2.93
CA VAL B 173 6.64 0.99 3.21
C VAL B 173 7.24 -0.12 2.34
N LEU B 174 7.47 0.19 1.07
CA LEU B 174 8.03 -0.81 0.13
C LEU B 174 9.36 -1.33 0.61
N SER B 175 10.21 -0.41 1.05
CA SER B 175 11.52 -0.80 1.52
C SER B 175 11.43 -1.63 2.81
N ILE B 176 10.50 -1.27 3.69
CA ILE B 176 10.26 -2.00 4.93
C ILE B 176 9.71 -3.40 4.62
N HIS B 177 8.71 -3.45 3.73
CA HIS B 177 8.18 -4.72 3.22
C HIS B 177 9.30 -5.62 2.75
N LYS B 178 10.17 -5.08 1.90
CA LYS B 178 11.21 -5.89 1.25
C LYS B 178 12.12 -6.52 2.28
N LYS B 179 12.31 -5.82 3.40
CA LYS B 179 13.20 -6.27 4.44
C LYS B 179 12.48 -7.02 5.57
N THR B 180 11.27 -7.49 5.31
CA THR B 180 10.49 -8.27 6.27
C THR B 180 9.94 -9.53 5.63
N THR B 181 10.52 -10.68 5.97
CA THR B 181 10.01 -11.96 5.49
C THR B 181 8.66 -12.23 6.11
N LEU B 182 7.88 -13.07 5.45
CA LEU B 182 6.61 -13.50 6.00
C LEU B 182 6.84 -14.17 7.35
N ASN B 183 7.89 -14.98 7.45
CA ASN B 183 8.26 -15.61 8.73
C ASN B 183 8.38 -14.58 9.83
N GLN B 184 9.14 -13.52 9.59
CA GLN B 184 9.33 -12.49 10.61
C GLN B 184 8.01 -11.88 11.04
N SER B 185 7.19 -11.48 10.06
CA SER B 185 5.93 -10.82 10.31
C SER B 185 5.05 -11.71 11.19
N MET B 186 4.91 -12.96 10.77
CA MET B 186 4.11 -13.93 11.51
C MET B 186 4.66 -14.17 12.93
N ASN B 187 5.96 -14.26 13.07
CA ASN B 187 6.59 -14.48 14.38
C ASN B 187 6.37 -13.32 15.33
N VAL B 188 6.69 -12.14 14.84
CA VAL B 188 6.74 -10.94 15.66
C VAL B 188 5.34 -10.51 16.10
N PHE B 189 4.36 -10.67 15.22
CA PHE B 189 3.00 -10.18 15.49
C PHE B 189 1.99 -11.29 15.73
N GLY B 190 2.41 -12.55 15.63
CA GLY B 190 1.52 -13.66 15.92
C GLY B 190 0.38 -13.87 14.93
N PHE B 191 0.63 -13.64 13.65
CA PHE B 191 -0.37 -13.91 12.63
C PHE B 191 -0.45 -15.38 12.29
N ASN B 192 -1.60 -15.81 11.76
CA ASN B 192 -1.74 -17.18 11.28
C ASN B 192 -2.22 -17.14 9.83
N HIS B 193 -2.31 -18.31 9.22
CA HIS B 193 -2.57 -18.41 7.79
C HIS B 193 -3.97 -18.06 7.34
N SER B 194 -4.89 -17.89 8.27
CA SER B 194 -6.25 -17.48 7.93
C SER B 194 -6.41 -15.97 8.09
N ASP B 195 -5.40 -15.28 8.63
CA ASP B 195 -5.40 -13.82 8.68
C ASP B 195 -5.29 -13.23 7.28
N ASN B 196 -5.99 -12.14 7.03
CA ASN B 196 -5.94 -11.51 5.73
C ASN B 196 -4.59 -10.84 5.52
N ILE B 197 -4.21 -10.69 4.26
CA ILE B 197 -2.88 -10.20 3.92
C ILE B 197 -2.71 -8.73 4.27
N GLY B 198 -3.82 -8.04 4.50
CA GLY B 198 -3.77 -6.67 5.01
C GLY B 198 -3.15 -6.59 6.40
N LYS B 199 -3.55 -7.51 7.27
CA LYS B 199 -2.98 -7.63 8.60
C LYS B 199 -1.49 -7.93 8.51
N ILE B 200 -1.12 -8.89 7.69
CA ILE B 200 0.29 -9.23 7.50
C ILE B 200 1.10 -7.99 7.09
N SER B 201 0.50 -7.14 6.26
CA SER B 201 1.23 -6.04 5.65
C SER B 201 1.13 -4.73 6.42
N TYR B 202 0.14 -4.58 7.30
CA TYR B 202 -0.03 -3.33 8.06
C TYR B 202 1.20 -2.83 8.84
N PRO B 203 1.94 -3.72 9.52
CA PRO B 203 2.99 -3.21 10.40
C PRO B 203 3.99 -2.25 9.74
N SER B 204 4.24 -2.45 8.45
CA SER B 204 5.17 -1.59 7.74
C SER B 204 4.62 -0.15 7.68
N PHE B 205 3.29 -0.04 7.64
CA PHE B 205 2.63 1.26 7.64
C PHE B 205 2.76 1.94 9.01
N GLN B 206 2.74 1.15 10.09
CA GLN B 206 2.97 1.69 11.43
C GLN B 206 4.43 2.10 11.62
N ILE B 207 5.33 1.42 10.92
CA ILE B 207 6.76 1.65 11.05
C ILE B 207 7.24 2.85 10.21
N ALA B 208 6.65 3.01 9.04
CA ALA B 208 7.05 4.03 8.09
C ALA B 208 7.23 5.46 8.61
N PRO B 209 6.29 5.97 9.43
CA PRO B 209 6.41 7.36 9.87
C PRO B 209 7.58 7.64 10.78
N CYS B 210 8.28 6.61 11.21
CA CYS B 210 9.53 6.79 11.95
C CYS B 210 10.64 7.35 11.08
N PHE B 211 10.39 7.43 9.78
CA PHE B 211 11.39 7.93 8.84
C PHE B 211 10.88 9.20 8.18
N SER B 212 11.58 10.30 8.48
CA SER B 212 11.10 11.64 8.14
C SER B 212 10.87 11.88 6.64
N GLN B 213 11.48 11.06 5.79
CA GLN B 213 11.17 11.09 4.35
C GLN B 213 9.66 10.91 4.04
N CYS B 214 8.88 10.41 5.01
CA CYS B 214 7.43 10.32 4.86
C CYS B 214 6.69 11.67 4.98
N PHE B 215 7.39 12.72 5.39
CA PHE B 215 6.80 14.02 5.59
C PHE B 215 7.59 15.12 4.87
N PRO B 216 7.71 15.02 3.53
CA PRO B 216 8.53 15.93 2.74
C PRO B 216 8.03 17.38 2.72
N ASN B 217 6.75 17.58 2.99
CA ASN B 217 6.19 18.93 3.13
C ASN B 217 6.75 19.74 4.29
N PHE B 218 7.24 19.08 5.33
CA PHE B 218 7.70 19.83 6.50
C PHE B 218 8.91 19.29 7.27
N LEU B 219 9.38 18.09 6.96
CA LEU B 219 10.63 17.61 7.56
C LEU B 219 11.72 17.42 6.53
N GLY B 220 12.94 17.66 6.97
CA GLY B 220 14.11 17.22 6.23
C GLY B 220 14.19 15.71 6.28
N LYS B 221 15.11 15.17 5.50
CA LYS B 221 15.24 13.74 5.37
C LYS B 221 16.15 13.24 6.50
N ASN B 222 15.89 12.01 6.94
CA ASN B 222 16.65 11.35 8.01
C ASN B 222 16.87 12.20 9.30
N ILE B 223 15.78 12.73 9.82
CA ILE B 223 15.74 13.40 11.12
C ILE B 223 15.32 12.40 12.19
N PRO B 224 16.03 12.35 13.34
CA PRO B 224 15.65 11.39 14.38
C PRO B 224 14.19 11.51 14.83
N CYS B 225 13.62 10.37 15.18
CA CYS B 225 12.22 10.27 15.55
C CYS B 225 12.06 9.67 16.95
N LEU B 226 11.35 10.37 17.82
CA LEU B 226 11.05 9.89 19.17
C LEU B 226 9.63 9.32 19.17
N VAL B 227 9.48 8.06 19.59
CA VAL B 227 8.21 7.37 19.48
C VAL B 227 7.68 6.93 20.86
N PRO B 228 6.91 7.81 21.53
CA PRO B 228 6.28 7.42 22.78
C PRO B 228 5.13 6.46 22.56
N GLN B 229 5.02 5.48 23.43
CA GLN B 229 4.09 4.39 23.23
C GLN B 229 3.90 3.63 24.52
N GLY B 230 2.77 2.95 24.63
CA GLY B 230 2.61 1.92 25.62
C GLY B 230 3.43 0.74 25.17
N ILE B 231 3.79 -0.11 26.13
CA ILE B 231 4.71 -1.22 25.88
C ILE B 231 4.18 -2.24 24.85
N ASP B 232 2.87 -2.28 24.62
CA ASP B 232 2.28 -3.22 23.63
C ASP B 232 2.66 -2.91 22.19
N GLN B 233 3.13 -1.69 21.92
CA GLN B 233 3.52 -1.31 20.55
C GLN B 233 4.94 -1.72 20.22
N ASP B 234 5.70 -2.18 21.20
CA ASP B 234 7.12 -2.38 21.00
C ASP B 234 7.50 -3.38 19.92
N PRO B 235 6.70 -4.43 19.71
CA PRO B 235 7.08 -5.31 18.61
C PRO B 235 7.26 -4.60 17.26
N TYR B 236 6.44 -3.60 16.98
CA TYR B 236 6.59 -2.80 15.76
C TYR B 236 7.92 -2.06 15.71
N PHE B 237 8.30 -1.47 16.83
CA PHE B 237 9.40 -0.54 16.80
C PHE B 237 10.74 -1.18 17.11
N ARG B 238 10.71 -2.32 17.78
CA ARG B 238 11.89 -3.16 17.88
C ARG B 238 12.26 -3.65 16.48
N LEU B 239 11.27 -4.06 15.70
CA LEU B 239 11.48 -4.43 14.29
C LEU B 239 11.95 -3.21 13.48
N SER B 240 11.35 -2.05 13.71
CA SER B 240 11.71 -0.83 12.99
C SER B 240 13.20 -0.50 13.13
N ARG B 241 13.78 -0.80 14.30
CA ARG B 241 15.19 -0.53 14.54
C ARG B 241 16.12 -1.44 13.72
N ASP B 242 15.80 -2.73 13.63
CA ASP B 242 16.55 -3.64 12.76
C ASP B 242 16.47 -3.21 11.30
N ILE B 243 15.27 -2.83 10.85
CA ILE B 243 15.04 -2.44 9.47
C ILE B 243 15.70 -1.11 9.15
N ALA B 244 15.67 -0.18 10.10
CA ALA B 244 16.35 1.11 9.93
C ALA B 244 17.83 0.93 9.59
N VAL B 245 18.49 -0.03 10.23
CA VAL B 245 19.91 -0.30 9.96
C VAL B 245 20.08 -0.75 8.51
N LYS B 246 19.21 -1.64 8.06
CA LYS B 246 19.26 -2.12 6.68
C LYS B 246 18.94 -1.04 5.66
N MET B 247 18.08 -0.08 6.04
CA MET B 247 17.76 1.08 5.20
C MET B 247 18.78 2.21 5.31
N ALA B 248 19.79 2.02 6.15
CA ALA B 248 20.81 3.05 6.37
C ALA B 248 20.18 4.37 6.80
N LEU B 249 19.22 4.28 7.70
CA LEU B 249 18.54 5.45 8.27
C LEU B 249 18.65 5.37 9.80
N HIS B 250 18.44 6.48 10.49
CA HIS B 250 18.42 6.48 11.95
C HIS B 250 17.45 5.45 12.50
N LYS B 251 17.86 4.78 13.58
CA LYS B 251 16.97 3.92 14.31
C LYS B 251 15.97 4.76 15.08
N PRO B 252 14.68 4.39 15.05
CA PRO B 252 13.71 5.09 15.91
C PRO B 252 14.02 5.01 17.39
N VAL B 253 13.88 6.15 18.07
CA VAL B 253 14.09 6.22 19.50
C VAL B 253 12.74 5.98 20.15
N VAL B 254 12.67 5.05 21.09
CA VAL B 254 11.41 4.71 21.74
C VAL B 254 11.44 5.05 23.21
N VAL B 255 10.30 5.46 23.74
CA VAL B 255 10.09 5.52 25.19
C VAL B 255 8.77 4.83 25.49
N HIS B 256 8.82 3.85 26.39
CA HIS B 256 7.66 3.03 26.71
C HIS B 256 7.02 3.40 28.04
N SER B 257 5.70 3.34 28.04
CA SER B 257 4.90 3.55 29.23
C SER B 257 4.41 2.20 29.77
N VAL B 258 4.28 2.11 31.10
CA VAL B 258 3.47 1.05 31.70
C VAL B 258 2.02 1.25 31.27
N PHE B 259 1.20 0.24 31.48
CA PHE B 259 -0.23 0.39 31.25
C PHE B 259 -0.87 0.97 32.47
N MET B 260 -1.72 1.96 32.25
CA MET B 260 -2.64 2.37 33.29
C MET B 260 -3.59 1.19 33.51
N PRO B 261 -3.64 0.67 34.75
CA PRO B 261 -4.48 -0.50 35.00
C PRO B 261 -5.96 -0.20 34.93
N GLY B 262 -6.76 -1.26 34.83
CA GLY B 262 -8.20 -1.15 34.93
C GLY B 262 -8.59 -0.98 36.38
N LEU B 263 -9.84 -0.65 36.62
CA LEU B 263 -10.32 -0.40 37.98
C LEU B 263 -10.33 -1.67 38.82
N GLN B 264 -10.58 -2.81 38.19
CA GLN B 264 -10.61 -4.12 38.84
C GLN B 264 -9.39 -4.42 39.71
N GLY B 265 -8.22 -3.98 39.26
CA GLY B 265 -6.98 -4.24 39.98
C GLY B 265 -5.75 -3.76 39.22
N VAL B 266 -4.63 -3.68 39.94
CA VAL B 266 -3.38 -3.14 39.38
C VAL B 266 -2.76 -4.09 38.36
N ASN B 267 -3.00 -5.39 38.52
CA ASN B 267 -2.54 -6.40 37.58
C ASN B 267 -3.44 -6.49 36.35
N SER B 268 -3.50 -5.40 35.59
CA SER B 268 -4.40 -5.31 34.44
C SER B 268 -3.99 -4.20 33.47
N LYS B 269 -4.66 -4.15 32.32
CA LYS B 269 -4.59 -3.01 31.40
C LYS B 269 -6.02 -2.50 31.20
N MET B 270 -6.17 -1.18 31.20
CA MET B 270 -7.44 -0.57 30.84
C MET B 270 -7.66 -0.78 29.33
N SER B 271 -8.78 -1.42 28.98
CA SER B 271 -8.99 -1.90 27.60
C SER B 271 -10.44 -1.68 27.12
N SER B 272 -10.60 -1.29 25.86
CA SER B 272 -11.92 -1.02 25.26
C SER B 272 -12.75 -2.29 25.10
N ASP B 288 -20.54 -4.05 31.29
CA ASP B 288 -20.13 -4.91 32.40
C ASP B 288 -18.60 -4.99 32.47
N HIS B 289 -17.94 -5.16 31.33
CA HIS B 289 -16.47 -5.09 31.25
C HIS B 289 -16.06 -3.63 31.09
N ASN B 290 -17.03 -2.78 30.68
CA ASN B 290 -16.84 -1.33 30.63
C ASN B 290 -16.91 -0.66 32.01
N ASN B 291 -17.12 -1.44 33.08
CA ASN B 291 -17.05 -0.94 34.46
C ASN B 291 -15.63 -0.93 35.01
N SER B 292 -14.68 -1.46 34.25
CA SER B 292 -13.25 -1.40 34.60
C SER B 292 -12.55 -0.21 33.93
N VAL B 293 -13.30 0.58 33.15
CA VAL B 293 -12.73 1.59 32.25
C VAL B 293 -13.36 2.95 32.47
N ILE B 294 -12.53 3.99 32.52
CA ILE B 294 -13.02 5.37 32.52
C ILE B 294 -12.97 5.90 31.09
N PHE B 295 -14.13 6.03 30.45
CA PHE B 295 -14.21 6.63 29.12
C PHE B 295 -14.30 8.15 29.19
N LEU B 296 -13.86 8.83 28.14
CA LEU B 296 -13.87 10.28 28.12
C LEU B 296 -15.26 10.84 27.82
N THR B 297 -16.16 9.97 27.40
CA THR B 297 -17.57 10.30 27.25
C THR B 297 -18.37 10.00 28.51
N ASP B 298 -17.73 9.47 29.56
CA ASP B 298 -18.42 9.18 30.83
C ASP B 298 -18.85 10.47 31.53
N THR B 299 -20.03 10.43 32.13
CA THR B 299 -20.56 11.58 32.87
C THR B 299 -19.96 11.60 34.27
N PRO B 300 -20.04 12.75 34.98
CA PRO B 300 -19.65 12.81 36.39
C PRO B 300 -20.34 11.75 37.25
N GLU B 301 -21.62 11.51 36.95
CA GLU B 301 -22.40 10.49 37.65
C GLU B 301 -21.79 9.11 37.46
N GLN B 302 -21.48 8.76 36.21
CA GLN B 302 -20.90 7.45 35.87
C GLN B 302 -19.51 7.27 36.46
N ILE B 303 -18.72 8.34 36.50
CA ILE B 303 -17.38 8.28 37.10
C ILE B 303 -17.47 8.00 38.59
N LYS B 304 -18.32 8.76 39.28
CA LYS B 304 -18.51 8.59 40.72
C LYS B 304 -18.84 7.14 41.06
N ASN B 305 -19.77 6.55 40.30
CA ASN B 305 -20.22 5.19 40.55
C ASN B 305 -19.18 4.14 40.24
N LYS B 306 -18.48 4.29 39.11
CA LYS B 306 -17.42 3.34 38.75
C LYS B 306 -16.32 3.30 39.81
N ILE B 307 -15.94 4.46 40.33
CA ILE B 307 -14.90 4.55 41.36
C ILE B 307 -15.37 3.98 42.68
N ASN B 308 -16.52 4.43 43.16
CA ASN B 308 -17.07 3.98 44.44
C ASN B 308 -17.37 2.49 44.45
N LYS B 309 -17.90 1.97 43.35
CA LYS B 309 -18.34 0.56 43.30
C LYS B 309 -17.28 -0.44 42.83
N TYR B 310 -16.48 -0.07 41.82
CA TYR B 310 -15.63 -1.04 41.12
C TYR B 310 -14.12 -0.87 41.34
N ALA B 311 -13.68 0.30 41.79
CA ALA B 311 -12.24 0.55 41.99
C ALA B 311 -11.71 -0.20 43.21
N PHE B 312 -10.70 -1.04 42.98
CA PHE B 312 -10.11 -1.87 44.04
C PHE B 312 -9.50 -1.00 45.14
N SER B 313 -9.80 -1.35 46.39
CA SER B 313 -9.32 -0.63 47.57
C SER B 313 -8.15 -1.37 48.18
N GLY B 314 -7.07 -0.64 48.45
CA GLY B 314 -5.90 -1.18 49.13
C GLY B 314 -5.91 -0.91 50.61
N GLY B 315 -7.06 -0.51 51.14
CA GLY B 315 -7.20 -0.26 52.57
C GLY B 315 -7.51 -1.57 53.28
N GLY B 316 -7.47 -1.53 54.60
CA GLY B 316 -7.84 -2.68 55.41
C GLY B 316 -9.30 -3.04 55.23
N THR B 317 -9.63 -4.30 55.44
CA THR B 317 -11.01 -4.78 55.31
C THR B 317 -11.85 -4.30 56.51
N THR B 318 -11.19 -4.11 57.64
CA THR B 318 -11.82 -3.53 58.83
C THR B 318 -11.22 -2.15 59.09
N ILE B 319 -12.00 -1.27 59.75
CA ILE B 319 -11.50 0.05 60.13
C ILE B 319 -10.34 -0.06 61.12
N GLN B 320 -10.42 -1.05 62.01
CA GLN B 320 -9.35 -1.31 62.99
C GLN B 320 -8.07 -1.73 62.28
N GLU B 321 -8.19 -2.64 61.31
CA GLU B 321 -7.04 -3.10 60.54
C GLU B 321 -6.41 -1.97 59.71
N HIS B 322 -7.25 -1.11 59.13
CA HIS B 322 -6.78 0.05 58.35
C HIS B 322 -5.96 0.99 59.24
N ARG B 323 -6.43 1.25 60.46
CA ARG B 323 -5.70 2.07 61.43
C ARG B 323 -4.29 1.54 61.68
N GLU B 324 -4.20 0.22 61.74
CA GLU B 324 -2.98 -0.47 62.20
C GLU B 324 -1.96 -0.65 61.10
N LYS B 325 -2.40 -1.06 59.91
CA LYS B 325 -1.48 -1.33 58.79
C LYS B 325 -1.40 -0.17 57.80
N GLY B 326 -2.46 0.63 57.70
CA GLY B 326 -2.55 1.69 56.71
C GLY B 326 -3.00 1.12 55.39
N GLY B 327 -3.07 1.99 54.39
CA GLY B 327 -3.42 1.56 53.04
C GLY B 327 -2.21 0.97 52.32
N ASN B 328 -2.45 -0.02 51.46
CA ASN B 328 -1.43 -0.56 50.59
C ASN B 328 -1.40 0.27 49.31
N LEU B 329 -0.39 1.11 49.18
CA LEU B 329 -0.28 2.01 48.02
C LEU B 329 -0.04 1.27 46.71
N ASP B 330 0.67 0.14 46.78
CA ASP B 330 0.98 -0.66 45.59
C ASP B 330 -0.26 -1.31 44.97
N LYS B 331 -1.29 -1.55 45.77
CA LYS B 331 -2.52 -2.23 45.30
C LYS B 331 -3.74 -1.32 45.18
N ASP B 332 -3.72 -0.16 45.85
CA ASP B 332 -4.87 0.74 45.83
C ASP B 332 -5.00 1.45 44.48
N ILE B 333 -6.09 1.16 43.77
CA ILE B 333 -6.33 1.72 42.44
C ILE B 333 -6.45 3.23 42.44
N SER B 334 -7.10 3.79 43.45
CA SER B 334 -7.31 5.23 43.49
C SER B 334 -6.00 6.00 43.68
N TYR B 335 -5.10 5.47 44.50
CA TYR B 335 -3.80 6.10 44.68
C TYR B 335 -2.99 5.99 43.40
N GLN B 336 -2.98 4.79 42.82
CA GLN B 336 -2.26 4.55 41.58
C GLN B 336 -2.71 5.51 40.50
N TYR B 337 -4.02 5.67 40.32
CA TYR B 337 -4.56 6.62 39.34
C TYR B 337 -4.10 8.04 39.63
N LEU B 338 -4.02 8.41 40.90
CA LEU B 338 -3.57 9.74 41.28
C LEU B 338 -2.10 9.99 40.88
N ARG B 339 -1.30 8.94 40.81
CA ARG B 339 0.09 9.03 40.29
C ARG B 339 0.13 9.51 38.83
N TYR B 340 -0.88 9.11 38.05
CA TYR B 340 -0.98 9.50 36.64
C TYR B 340 -1.57 10.89 36.48
N LEU B 341 -2.50 11.27 37.35
CA LEU B 341 -3.36 12.42 37.11
C LEU B 341 -3.03 13.67 37.94
N LEU B 342 -2.48 13.49 39.14
CA LEU B 342 -2.14 14.63 40.00
C LEU B 342 -0.77 15.22 39.65
N GLU B 343 -0.74 16.45 39.17
CA GLU B 343 0.51 17.10 38.76
C GLU B 343 1.40 17.52 39.93
N ASP B 344 0.79 17.92 41.04
CA ASP B 344 1.51 18.44 42.20
C ASP B 344 2.06 17.31 43.05
N ASP B 345 3.39 17.21 43.13
CA ASP B 345 4.08 16.14 43.87
C ASP B 345 3.72 16.15 45.35
N ASN B 346 3.76 17.33 45.95
CA ASN B 346 3.48 17.48 47.38
C ASN B 346 2.08 16.99 47.75
N LYS B 347 1.09 17.35 46.94
CA LYS B 347 -0.29 16.89 47.12
C LYS B 347 -0.41 15.37 47.05
N LEU B 348 0.34 14.75 46.14
CA LEU B 348 0.35 13.29 46.02
C LEU B 348 1.03 12.62 47.22
N ASN B 349 2.17 13.18 47.63
CA ASN B 349 2.92 12.64 48.79
C ASN B 349 2.17 12.87 50.11
N GLU B 350 1.38 13.93 50.17
CA GLU B 350 0.52 14.21 51.33
C GLU B 350 -0.57 13.15 51.43
N ILE B 351 -1.25 12.89 50.32
CA ILE B 351 -2.29 11.86 50.26
C ILE B 351 -1.70 10.47 50.51
N GLY B 352 -0.54 10.20 49.91
CA GLY B 352 0.10 8.90 50.01
C GLY B 352 0.53 8.55 51.41
N GLU B 353 1.04 9.53 52.14
CA GLU B 353 1.48 9.32 53.53
C GLU B 353 0.30 9.11 54.47
N LYS B 354 -0.73 9.95 54.33
CA LYS B 354 -1.94 9.84 55.15
C LYS B 354 -2.65 8.49 54.97
N TYR B 355 -2.68 7.98 53.75
CA TYR B 355 -3.38 6.73 53.44
C TYR B 355 -2.73 5.46 54.03
N LEU B 361 -8.24 6.69 54.88
CA LEU B 361 -9.66 6.45 54.61
C LEU B 361 -9.96 6.19 53.13
N SER B 362 -10.31 4.96 52.76
CA SER B 362 -10.56 4.58 51.37
C SER B 362 -11.67 5.42 50.71
N GLY B 363 -12.70 5.76 51.48
CA GLY B 363 -13.77 6.61 50.99
C GLY B 363 -13.27 8.00 50.60
N GLU B 364 -12.34 8.53 51.38
CA GLU B 364 -11.79 9.87 51.11
C GLU B 364 -10.88 9.90 49.88
N ILE B 365 -10.00 8.91 49.75
CA ILE B 365 -9.07 8.87 48.61
C ILE B 365 -9.81 8.63 47.30
N LYS B 366 -10.83 7.78 47.33
CA LYS B 366 -11.73 7.59 46.18
C LYS B 366 -12.45 8.89 45.82
N LYS B 367 -12.85 9.65 46.82
CA LYS B 367 -13.53 10.93 46.60
C LYS B 367 -12.57 11.97 45.99
N ILE B 368 -11.29 11.91 46.35
CA ILE B 368 -10.29 12.82 45.78
C ILE B 368 -10.15 12.50 44.30
N LEU B 369 -9.98 11.22 43.98
CA LEU B 369 -9.87 10.76 42.60
C LEU B 369 -11.07 11.18 41.75
N ILE B 370 -12.27 11.00 42.27
CA ILE B 370 -13.51 11.32 41.54
C ILE B 370 -13.54 12.79 41.17
N ASP B 371 -13.18 13.66 42.11
CA ASP B 371 -13.13 15.09 41.85
C ASP B 371 -12.08 15.41 40.78
N VAL B 372 -10.96 14.70 40.83
CA VAL B 372 -9.86 14.91 39.88
C VAL B 372 -10.26 14.44 38.48
N LEU B 373 -10.82 13.23 38.39
CA LEU B 373 -11.34 12.69 37.14
C LEU B 373 -12.44 13.53 36.53
N THR B 374 -13.40 13.91 37.36
CA THR B 374 -14.55 14.68 36.92
C THR B 374 -14.08 15.98 36.29
N GLU B 375 -13.10 16.62 36.93
CA GLU B 375 -12.54 17.84 36.42
C GLU B 375 -11.88 17.58 35.06
N LEU B 376 -11.01 16.58 35.02
CA LEU B 376 -10.26 16.25 33.82
C LEU B 376 -11.22 15.94 32.67
N VAL B 377 -12.22 15.12 32.95
CA VAL B 377 -13.17 14.68 31.92
C VAL B 377 -14.09 15.81 31.46
N LEU B 378 -14.53 16.66 32.38
CA LEU B 378 -15.40 17.78 32.03
C LEU B 378 -14.64 18.83 31.22
N LYS B 379 -13.38 19.10 31.59
CA LYS B 379 -12.50 19.98 30.80
C LYS B 379 -12.30 19.41 29.38
N HIS B 380 -12.08 18.11 29.32
CA HIS B 380 -11.88 17.43 28.06
C HIS B 380 -13.11 17.56 27.15
N GLN B 381 -14.30 17.31 27.71
CA GLN B 381 -15.54 17.41 26.94
C GLN B 381 -15.87 18.85 26.53
N GLU B 382 -15.55 19.80 27.42
CA GLU B 382 -15.68 21.23 27.11
C GLU B 382 -14.90 21.59 25.86
N LYS B 383 -13.62 21.23 25.88
CA LYS B 383 -12.70 21.50 24.79
C LYS B 383 -13.19 20.81 23.51
N LYS B 384 -13.54 19.55 23.63
CA LYS B 384 -14.01 18.76 22.50
C LYS B 384 -15.25 19.35 21.83
N LYS B 385 -16.25 19.68 22.63
CA LYS B 385 -17.47 20.32 22.14
C LYS B 385 -17.16 21.63 21.38
N SER B 386 -16.16 22.38 21.85
CA SER B 386 -15.82 23.67 21.26
C SER B 386 -15.08 23.60 19.91
N LEU B 387 -14.54 22.43 19.55
CA LEU B 387 -13.72 22.33 18.32
C LEU B 387 -14.53 22.57 17.04
N THR B 388 -14.04 23.47 16.20
CA THR B 388 -14.68 23.76 14.92
C THR B 388 -14.05 22.89 13.82
N ASP B 389 -14.79 22.70 12.73
CA ASP B 389 -14.25 22.02 11.55
C ASP B 389 -12.95 22.66 11.11
N GLU B 390 -12.91 23.99 11.11
CA GLU B 390 -11.71 24.75 10.75
C GLU B 390 -10.51 24.43 11.66
N GLU B 391 -10.75 24.38 12.97
CA GLU B 391 -9.69 24.03 13.93
C GLU B 391 -9.17 22.61 13.70
N ILE B 392 -10.09 21.69 13.43
CA ILE B 392 -9.75 20.29 13.25
C ILE B 392 -8.93 20.13 11.97
N SER B 393 -9.46 20.68 10.86
CA SER B 393 -8.79 20.61 9.57
C SER B 393 -7.36 21.11 9.63
N TYR B 394 -7.12 22.14 10.44
CA TYR B 394 -5.82 22.76 10.55
C TYR B 394 -4.76 21.75 11.01
N PHE B 395 -5.13 20.83 11.88
CA PHE B 395 -4.21 19.78 12.34
C PHE B 395 -3.75 18.86 11.20
N PHE B 396 -4.58 18.73 10.16
CA PHE B 396 -4.26 17.88 9.01
C PHE B 396 -3.48 18.61 7.88
N ASP B 397 -3.12 19.87 8.10
CA ASP B 397 -2.42 20.67 7.10
C ASP B 397 -0.91 20.53 7.26
N PRO B 398 -0.23 19.91 6.26
CA PRO B 398 1.20 19.66 6.37
C PRO B 398 2.06 20.85 5.99
N ASN B 399 1.43 21.93 5.51
CA ASN B 399 2.15 23.12 5.03
C ASN B 399 2.16 24.31 5.97
N LYS B 400 1.81 24.10 7.22
CA LYS B 400 1.92 25.15 8.23
C LYS B 400 3.37 25.59 8.38
N PRO B 401 3.62 26.91 8.34
CA PRO B 401 4.98 27.46 8.51
C PRO B 401 5.69 27.06 9.80
N SER B 402 4.96 26.99 10.89
CA SER B 402 5.55 26.59 12.17
C SER B 402 6.01 25.14 12.08
N LEU B 403 5.22 24.31 11.43
CA LEU B 403 5.58 22.92 11.15
C LEU B 403 6.79 22.80 10.21
N GLN B 404 6.95 23.72 9.28
CA GLN B 404 8.03 23.68 8.31
C GLN B 404 9.41 24.11 8.84
N LYS B 405 9.50 24.47 10.11
CA LYS B 405 10.79 24.92 10.72
C LYS B 405 11.99 24.00 10.48
N PHE B 406 11.75 22.70 10.52
CA PHE B 406 12.81 21.71 10.36
C PHE B 406 12.86 21.15 8.95
N LYS B 407 12.16 21.78 8.00
CA LYS B 407 12.10 21.29 6.63
C LYS B 407 13.47 21.17 5.96
N ASN B 408 14.39 22.05 6.33
CA ASN B 408 15.71 22.08 5.71
C ASN B 408 16.87 21.64 6.62
N MET B 409 16.57 20.85 7.65
CA MET B 409 17.59 20.01 8.32
C MET B 409 17.81 18.72 7.51
#